data_8S6O
#
_entry.id   8S6O
#
_cell.length_a   82.881
_cell.length_b   74.633
_cell.length_c   168.511
_cell.angle_alpha   90.000
_cell.angle_beta   90.080
_cell.angle_gamma   90.000
#
_symmetry.space_group_name_H-M   'C 1 2 1'
#
loop_
_entity.id
_entity.type
_entity.pdbx_description
1 polymer 'RNA-binding protein RRM4'
2 polymer PAMPL2
3 water water
#
loop_
_entity_poly.entity_id
_entity_poly.type
_entity_poly.pdbx_seq_one_letter_code
_entity_poly.pdbx_strand_id
1 'polypeptide(L)'
;HTLSTLAALPAAEIVRLANSQSSSGLPLPKADPATVKATDDFIDSLQGKAAHDQKQKLGDQLFKKIRTFGVKGAPKLTIH
LLDSEDLRALAHLMNSYEDVLKEKVQHKVAAGLNKVKGAPKLTIHLLDSEDLR
;
D,A,C,F,I,K,M,O
2 'polypeptide(L)' DEFIYP H,B,E,G,J,L,N,P
#
# COMPACT_ATOMS: atom_id res chain seq x y z
N HIS A 1 36.69 4.64 10.26
CA HIS A 1 35.55 5.41 9.72
C HIS A 1 35.70 5.90 8.26
N THR A 2 34.80 5.48 7.36
CA THR A 2 34.85 6.01 6.00
C THR A 2 33.97 7.26 5.83
N LEU A 3 34.10 7.90 4.65
CA LEU A 3 33.24 9.01 4.33
C LEU A 3 31.75 8.60 4.34
N SER A 4 31.45 7.40 3.84
CA SER A 4 30.04 6.96 3.77
C SER A 4 29.50 6.61 5.15
N THR A 5 30.30 5.95 5.99
CA THR A 5 29.81 5.64 7.32
C THR A 5 29.58 6.95 8.08
N LEU A 6 30.50 7.92 7.93
CA LEU A 6 30.36 9.24 8.54
C LEU A 6 29.13 10.00 8.01
N ALA A 7 28.94 10.05 6.69
CA ALA A 7 27.79 10.77 6.13
C ALA A 7 26.47 10.16 6.60
N ALA A 8 26.50 8.90 7.04
CA ALA A 8 25.33 8.22 7.57
C ALA A 8 24.89 8.68 8.97
N LEU A 9 25.74 9.39 9.72
CA LEU A 9 25.46 9.99 11.03
C LEU A 9 24.72 11.33 10.88
N PRO A 10 23.98 11.75 11.90
CA PRO A 10 23.40 13.11 11.87
C PRO A 10 24.48 14.18 11.79
N ALA A 11 24.09 15.31 11.16
CA ALA A 11 25.01 16.44 11.03
C ALA A 11 25.64 16.80 12.38
N ALA A 12 24.83 16.86 13.44
CA ALA A 12 25.34 17.27 14.76
C ALA A 12 26.43 16.33 15.27
N GLU A 13 26.29 15.01 14.98
CA GLU A 13 27.33 14.05 15.36
C GLU A 13 28.53 14.17 14.45
N ILE A 14 28.33 14.43 13.16
CA ILE A 14 29.50 14.64 12.32
C ILE A 14 30.29 15.82 12.83
N VAL A 15 29.58 16.91 13.18
CA VAL A 15 30.25 18.12 13.62
C VAL A 15 30.87 17.95 15.00
N ARG A 16 30.21 17.20 15.88
CA ARG A 16 30.77 16.98 17.20
C ARG A 16 32.10 16.26 17.12
N LEU A 17 32.13 15.23 16.29
CA LEU A 17 33.35 14.49 16.02
C LEU A 17 34.44 15.39 15.42
N ALA A 18 34.07 16.35 14.57
CA ALA A 18 35.09 17.23 14.00
C ALA A 18 35.81 18.07 15.06
N ASN A 19 35.08 18.53 16.08
CA ASN A 19 35.63 19.51 17.02
C ASN A 19 36.46 18.90 18.14
N SER A 20 36.08 17.70 18.53
CA SER A 20 36.85 16.77 19.36
C SER A 20 37.95 16.22 18.50
N GLN A 21 39.10 16.89 18.50
CA GLN A 21 40.14 16.56 17.53
C GLN A 21 40.74 15.18 17.72
N SER A 22 40.15 14.29 18.52
CA SER A 22 40.58 12.91 18.21
C SER A 22 40.09 12.58 16.79
N SER A 23 40.85 13.03 15.73
CA SER A 23 40.49 12.92 14.30
C SER A 23 41.46 12.03 13.53
N SER A 24 42.14 11.14 14.27
CA SER A 24 43.04 10.17 13.67
C SER A 24 42.18 9.12 12.97
N GLY A 25 41.61 9.57 11.83
CA GLY A 25 40.84 8.69 10.96
C GLY A 25 39.57 9.31 10.45
N LEU A 26 39.48 10.64 10.54
CA LEU A 26 38.24 11.33 10.21
C LEU A 26 38.45 11.97 8.86
N PRO A 27 37.77 11.48 7.80
CA PRO A 27 37.92 12.06 6.45
C PRO A 27 37.24 13.42 6.33
N LEU A 28 37.69 14.36 7.16
CA LEU A 28 37.25 15.75 7.16
C LEU A 28 38.43 16.65 7.10
N PRO A 29 38.44 17.74 6.30
CA PRO A 29 39.52 18.72 6.33
C PRO A 29 39.49 19.56 7.62
N LYS A 30 40.55 20.40 7.86
CA LYS A 30 40.53 21.30 9.02
C LYS A 30 39.62 22.46 8.61
N ALA A 31 38.56 22.72 9.37
CA ALA A 31 37.66 23.83 9.05
C ALA A 31 38.40 25.16 9.16
N ASP A 32 38.06 26.12 8.25
CA ASP A 32 38.51 27.52 8.41
C ASP A 32 37.73 28.22 9.54
N PRO A 33 38.41 28.87 10.50
CA PRO A 33 37.62 29.49 11.58
C PRO A 33 36.84 30.73 11.16
N ALA A 34 37.31 31.54 10.18
CA ALA A 34 36.49 32.68 9.76
C ALA A 34 35.19 32.18 9.15
N THR A 35 35.26 31.07 8.41
CA THR A 35 34.04 30.46 7.87
C THR A 35 33.14 29.88 8.97
N VAL A 36 33.73 29.32 10.02
CA VAL A 36 32.91 28.67 11.03
C VAL A 36 32.12 29.72 11.77
N LYS A 37 32.79 30.85 12.07
CA LYS A 37 32.13 31.97 12.74
C LYS A 37 31.11 32.69 11.85
N ALA A 38 31.36 32.82 10.55
CA ALA A 38 30.33 33.44 9.69
C ALA A 38 29.08 32.57 9.65
N THR A 39 29.25 31.24 9.57
CA THR A 39 28.11 30.31 9.58
C THR A 39 27.35 30.35 10.91
N ASP A 40 28.07 30.37 12.04
CA ASP A 40 27.43 30.42 13.35
C ASP A 40 26.71 31.77 13.56
N ASP A 41 27.33 32.87 13.13
CA ASP A 41 26.64 34.17 13.18
C ASP A 41 25.41 34.14 12.29
N PHE A 42 25.52 33.54 11.11
CA PHE A 42 24.34 33.41 10.26
C PHE A 42 23.21 32.68 10.98
N ILE A 43 23.53 31.55 11.64
CA ILE A 43 22.50 30.76 12.30
C ILE A 43 21.99 31.49 13.55
N ASP A 44 22.90 32.19 14.24
CA ASP A 44 22.50 33.06 15.33
C ASP A 44 21.45 34.04 14.83
N SER A 45 21.70 34.62 13.65
CA SER A 45 20.76 35.57 13.04
C SER A 45 19.37 34.98 12.81
N LEU A 46 19.24 33.66 12.61
CA LEU A 46 17.90 33.11 12.39
C LEU A 46 17.15 32.81 13.72
N GLN A 47 17.84 32.73 14.87
CA GLN A 47 17.14 32.40 16.12
C GLN A 47 16.02 33.39 16.35
N GLY A 48 14.85 32.88 16.70
CA GLY A 48 13.71 33.75 16.90
C GLY A 48 12.80 33.90 15.70
N LYS A 49 13.18 33.38 14.54
CA LYS A 49 12.28 33.47 13.42
C LYS A 49 11.39 32.22 13.36
N ALA A 50 10.31 32.30 12.58
CA ALA A 50 9.51 31.11 12.35
C ALA A 50 10.36 29.97 11.74
N ALA A 51 10.18 28.76 12.29
CA ALA A 51 10.86 27.57 11.78
C ALA A 51 10.89 27.60 10.27
N HIS A 52 9.69 27.81 9.71
CA HIS A 52 9.55 27.99 8.27
C HIS A 52 10.39 29.09 7.71
N ASP A 53 10.53 30.20 8.41
CA ASP A 53 11.36 31.22 7.80
C ASP A 53 12.84 30.84 7.90
N GLN A 54 13.23 30.14 8.98
CA GLN A 54 14.62 29.72 9.15
C GLN A 54 15.06 28.71 8.09
N LYS A 55 14.19 27.75 7.77
CA LYS A 55 14.55 26.75 6.78
C LYS A 55 14.63 27.33 5.37
N GLN A 56 13.76 28.30 5.04
CA GLN A 56 13.84 28.97 3.74
C GLN A 56 15.16 29.70 3.58
N LYS A 57 15.58 30.47 4.60
CA LYS A 57 16.79 31.26 4.45
C LYS A 57 18.01 30.36 4.38
N LEU A 58 18.09 29.34 5.22
CA LEU A 58 19.20 28.40 5.09
C LEU A 58 19.06 27.59 3.80
N GLY A 59 17.84 27.21 3.45
CA GLY A 59 17.62 26.47 2.22
C GLY A 59 18.19 27.15 1.00
N ASP A 60 18.07 28.49 0.94
CA ASP A 60 18.62 29.28 -0.17
C ASP A 60 20.10 28.98 -0.41
N GLN A 61 20.91 29.04 0.64
CA GLN A 61 22.31 28.68 0.50
C GLN A 61 22.48 27.19 0.22
N LEU A 62 21.62 26.35 0.83
CA LEU A 62 21.77 24.89 0.72
C LEU A 62 21.45 24.37 -0.67
N PHE A 63 20.34 24.84 -1.27
CA PHE A 63 19.95 24.49 -2.64
C PHE A 63 21.01 24.88 -3.67
N LYS A 64 21.57 26.07 -3.51
CA LYS A 64 22.63 26.52 -4.39
C LYS A 64 23.82 25.59 -4.26
N LYS A 65 24.08 25.13 -3.05
CA LYS A 65 25.25 24.24 -2.90
C LYS A 65 24.99 22.84 -3.50
N ILE A 66 23.75 22.33 -3.40
CA ILE A 66 23.48 21.01 -3.97
C ILE A 66 23.46 21.08 -5.50
N ARG A 67 23.02 22.23 -6.04
CA ARG A 67 23.01 22.39 -7.50
C ARG A 67 24.45 22.38 -8.03
N THR A 68 25.41 22.96 -7.29
CA THR A 68 26.80 22.83 -7.72
C THR A 68 27.23 21.37 -7.76
N PHE A 69 26.76 20.56 -6.81
CA PHE A 69 27.14 19.14 -6.75
C PHE A 69 26.77 18.36 -8.02
N GLY A 70 25.81 18.87 -8.81
CA GLY A 70 25.36 18.18 -10.00
C GLY A 70 24.24 17.20 -9.80
N VAL A 71 23.40 17.36 -8.76
CA VAL A 71 22.37 16.38 -8.41
C VAL A 71 20.99 16.98 -8.79
N LYS A 72 20.14 16.16 -9.42
CA LYS A 72 18.78 16.58 -9.71
C LYS A 72 17.90 16.39 -8.46
N GLY A 73 16.85 17.20 -8.38
CA GLY A 73 15.96 17.16 -7.24
C GLY A 73 16.52 17.87 -6.04
N ALA A 74 17.42 18.83 -6.27
CA ALA A 74 18.00 19.55 -5.14
C ALA A 74 16.97 20.23 -4.24
N PRO A 75 15.76 20.68 -4.70
CA PRO A 75 14.75 21.20 -3.75
C PRO A 75 14.30 20.12 -2.81
N LYS A 76 13.93 18.97 -3.37
CA LYS A 76 13.45 17.91 -2.49
C LYS A 76 14.54 17.44 -1.55
N LEU A 77 15.77 17.29 -2.03
CA LEU A 77 16.87 16.96 -1.11
C LEU A 77 17.08 18.09 -0.09
N THR A 78 16.96 19.36 -0.53
CA THR A 78 17.19 20.48 0.38
C THR A 78 16.16 20.49 1.49
N ILE A 79 14.88 20.30 1.13
CA ILE A 79 13.80 20.24 2.12
C ILE A 79 14.01 19.08 3.07
N HIS A 80 14.32 17.88 2.52
CA HIS A 80 14.47 16.70 3.35
C HIS A 80 15.60 16.89 4.36
N LEU A 81 16.72 17.48 3.91
CA LEU A 81 17.81 17.73 4.86
C LEU A 81 17.37 18.69 5.96
N LEU A 82 16.67 19.77 5.60
CA LEU A 82 16.25 20.79 6.55
C LEU A 82 15.25 20.25 7.58
N ASP A 83 14.51 19.19 7.23
CA ASP A 83 13.53 18.54 8.09
C ASP A 83 14.09 17.33 8.82
N SER A 84 15.33 16.97 8.60
CA SER A 84 15.88 15.74 9.16
C SER A 84 17.13 15.99 9.96
N GLU A 85 17.71 17.21 9.86
CA GLU A 85 18.97 17.55 10.51
C GLU A 85 18.83 18.81 11.37
N ASP A 86 19.80 18.92 12.28
CA ASP A 86 20.07 20.17 13.00
C ASP A 86 20.54 21.29 12.05
N LEU A 87 19.80 22.42 12.07
CA LEU A 87 20.06 23.50 11.10
C LEU A 87 21.49 23.98 11.19
N ARG A 88 21.99 24.19 12.43
CA ARG A 88 23.34 24.75 12.60
C ARG A 88 24.38 23.76 12.12
N ALA A 89 24.20 22.47 12.43
CA ALA A 89 25.19 21.48 11.99
C ALA A 89 25.22 21.35 10.47
N LEU A 90 24.04 21.35 9.83
CA LEU A 90 23.93 21.28 8.38
C LEU A 90 24.66 22.45 7.69
N ALA A 91 24.52 23.67 8.21
CA ALA A 91 25.19 24.83 7.64
C ALA A 91 26.72 24.66 7.75
N HIS A 92 27.17 24.00 8.81
CA HIS A 92 28.60 23.71 8.93
C HIS A 92 29.08 22.69 7.89
N LEU A 93 28.28 21.66 7.60
CA LEU A 93 28.61 20.78 6.47
C LEU A 93 28.63 21.56 5.16
N MET A 94 27.63 22.45 4.96
CA MET A 94 27.46 23.20 3.71
C MET A 94 28.67 24.08 3.44
N ASN A 95 29.11 24.85 4.45
CA ASN A 95 30.20 25.79 4.25
C ASN A 95 31.57 25.21 4.59
N SER A 96 31.66 24.17 5.43
CA SER A 96 32.97 23.69 5.87
C SER A 96 33.29 22.23 5.55
N TYR A 97 32.30 21.38 5.26
CA TYR A 97 32.55 19.94 5.07
C TYR A 97 31.73 19.46 3.88
N GLU A 98 31.99 20.13 2.76
CA GLU A 98 31.16 19.94 1.58
C GLU A 98 31.21 18.51 1.06
N ASP A 99 32.34 17.82 1.17
CA ASP A 99 32.31 16.46 0.61
C ASP A 99 31.46 15.50 1.43
N VAL A 100 31.48 15.64 2.77
CA VAL A 100 30.58 14.82 3.59
C VAL A 100 29.16 15.13 3.23
N LEU A 101 28.87 16.43 3.05
CA LEU A 101 27.53 16.78 2.63
C LEU A 101 27.18 16.03 1.35
N LYS A 102 28.12 15.99 0.40
CA LYS A 102 27.78 15.30 -0.84
C LYS A 102 27.56 13.80 -0.66
N GLU A 103 28.39 13.18 0.19
CA GLU A 103 28.15 11.77 0.45
C GLU A 103 26.77 11.57 1.04
N LYS A 104 26.34 12.49 1.95
CA LYS A 104 25.01 12.38 2.56
C LYS A 104 23.90 12.51 1.51
N VAL A 105 24.09 13.44 0.54
CA VAL A 105 23.11 13.64 -0.54
C VAL A 105 23.06 12.42 -1.46
N GLN A 106 24.18 11.73 -1.64
CA GLN A 106 24.11 10.52 -2.45
C GLN A 106 23.35 9.41 -1.72
N HIS A 107 23.48 9.35 -0.39
CA HIS A 107 22.65 8.43 0.40
C HIS A 107 21.16 8.67 0.17
N LYS A 108 20.75 9.94 0.09
CA LYS A 108 19.32 10.23 -0.06
C LYS A 108 18.85 9.99 -1.49
N VAL A 109 19.71 10.32 -2.48
CA VAL A 109 19.38 10.02 -3.88
C VAL A 109 19.23 8.52 -4.06
N ALA A 110 20.04 7.74 -3.33
CA ALA A 110 19.89 6.27 -3.33
C ALA A 110 18.55 5.82 -2.75
N ALA A 111 17.93 6.61 -1.83
CA ALA A 111 16.59 6.31 -1.35
C ALA A 111 15.49 6.90 -2.23
N GLY A 112 15.83 7.42 -3.40
CA GLY A 112 14.87 8.01 -4.30
C GLY A 112 14.16 9.21 -3.75
N LEU A 113 14.77 9.88 -2.76
CA LEU A 113 14.19 11.03 -2.07
C LEU A 113 14.23 12.31 -2.90
N ASN A 114 15.07 12.39 -3.95
CA ASN A 114 15.02 13.50 -4.92
C ASN A 114 13.89 13.38 -5.94
N LYS A 115 13.22 12.24 -6.04
CA LYS A 115 12.16 12.05 -7.04
C LYS A 115 10.83 12.42 -6.40
N ASP B 1 16.23 28.66 -11.60
CA ASP B 1 15.45 27.87 -10.64
C ASP B 1 15.46 28.43 -9.21
N GLU B 2 14.20 28.46 -8.72
CA GLU B 2 13.79 29.09 -7.46
C GLU B 2 13.63 28.07 -6.36
N PHE B 3 14.33 28.26 -5.25
CA PHE B 3 14.09 27.34 -4.14
C PHE B 3 13.14 27.93 -3.12
N ILE B 4 12.09 27.17 -2.80
CA ILE B 4 11.13 27.62 -1.81
C ILE B 4 10.83 26.49 -0.84
N TYR B 5 10.74 26.85 0.47
CA TYR B 5 10.30 25.91 1.51
C TYR B 5 8.78 26.01 1.61
N PRO B 6 8.03 24.89 1.45
CA PRO B 6 6.55 24.98 1.36
C PRO B 6 5.87 25.81 2.46
N HIS C 1 16.25 36.13 28.72
CA HIS C 1 15.48 34.95 28.31
C HIS C 1 14.54 34.40 29.39
N THR C 2 13.24 34.26 29.10
CA THR C 2 12.39 33.53 30.06
C THR C 2 12.43 32.03 29.75
N LEU C 3 11.89 31.22 30.66
CA LEU C 3 11.88 29.77 30.43
C LEU C 3 11.04 29.36 29.20
N SER C 4 9.90 30.00 28.93
CA SER C 4 9.13 29.51 27.80
C SER C 4 9.83 29.86 26.50
N THR C 5 10.38 31.09 26.43
CA THR C 5 11.05 31.54 25.20
C THR C 5 12.26 30.68 24.94
N LEU C 6 12.99 30.35 26.00
CA LEU C 6 14.11 29.45 25.86
C LEU C 6 13.61 28.07 25.43
N ALA C 7 12.58 27.55 26.09
CA ALA C 7 12.07 26.23 25.68
C ALA C 7 11.51 26.21 24.26
N ALA C 8 11.13 27.37 23.70
CA ALA C 8 10.62 27.46 22.32
C ALA C 8 11.71 27.24 21.24
N LEU C 9 12.98 27.26 21.64
CA LEU C 9 14.12 26.99 20.83
C LEU C 9 14.36 25.48 20.73
N PRO C 10 15.09 25.03 19.67
CA PRO C 10 15.54 23.63 19.57
C PRO C 10 16.42 23.18 20.73
N ALA C 11 16.29 21.90 21.10
CA ALA C 11 17.11 21.38 22.20
C ALA C 11 18.59 21.71 21.98
N ALA C 12 19.07 21.42 20.75
CA ALA C 12 20.47 21.66 20.40
C ALA C 12 20.84 23.13 20.55
N GLU C 13 19.93 24.03 20.22
CA GLU C 13 20.20 25.45 20.47
C GLU C 13 20.17 25.80 21.96
N ILE C 14 19.26 25.20 22.75
CA ILE C 14 19.23 25.48 24.20
C ILE C 14 20.55 25.07 24.85
N VAL C 15 21.03 23.87 24.51
CA VAL C 15 22.25 23.35 25.12
C VAL C 15 23.47 24.16 24.69
N ARG C 16 23.45 24.69 23.45
CA ARG C 16 24.51 25.58 22.98
C ARG C 16 24.59 26.83 23.85
N LEU C 17 23.43 27.43 24.14
CA LEU C 17 23.41 28.60 25.05
C LEU C 17 23.88 28.24 26.46
N ALA C 18 23.50 27.06 26.95
CA ALA C 18 23.89 26.64 28.30
C ALA C 18 25.40 26.50 28.45
N ASN C 19 26.09 26.03 27.38
CA ASN C 19 27.54 25.78 27.44
C ASN C 19 28.42 26.99 27.14
N SER C 20 27.95 27.97 26.38
CA SER C 20 28.69 29.24 26.30
C SER C 20 28.48 29.99 27.61
N GLN C 21 29.48 29.95 28.47
CA GLN C 21 29.55 30.95 29.53
C GLN C 21 29.04 32.41 29.47
N SER C 22 28.50 32.85 28.32
CA SER C 22 27.73 34.09 28.26
C SER C 22 26.39 33.62 28.75
N SER C 23 26.29 33.58 30.07
CA SER C 23 25.15 32.92 30.67
C SER C 23 24.36 33.91 31.55
N SER C 24 24.48 35.20 31.19
CA SER C 24 23.75 36.29 31.84
C SER C 24 22.34 36.37 31.27
N GLY C 25 21.54 35.46 31.73
CA GLY C 25 20.19 35.57 31.27
C GLY C 25 19.66 34.23 30.98
N LEU C 26 20.27 33.19 31.54
CA LEU C 26 19.77 31.84 31.34
C LEU C 26 19.14 31.37 32.64
N PRO C 27 17.80 31.16 32.70
CA PRO C 27 17.19 30.54 33.90
C PRO C 27 17.45 29.05 33.96
N LEU C 28 18.73 28.66 34.00
CA LEU C 28 19.08 27.25 34.00
C LEU C 28 20.00 26.96 35.17
N PRO C 29 19.92 25.76 35.74
CA PRO C 29 20.88 25.40 36.77
C PRO C 29 22.24 25.19 36.12
N LYS C 30 23.24 25.04 36.97
CA LYS C 30 24.54 24.58 36.54
C LYS C 30 24.42 23.08 36.37
N ALA C 31 24.73 22.59 35.16
CA ALA C 31 24.75 21.15 34.92
C ALA C 31 25.78 20.49 35.82
N ASP C 32 25.38 19.39 36.48
CA ASP C 32 26.32 18.54 37.20
C ASP C 32 27.17 17.84 36.15
N PRO C 33 28.50 17.97 36.19
CA PRO C 33 29.30 17.43 35.09
C PRO C 33 29.25 15.92 34.99
N ALA C 34 29.09 15.20 36.12
CA ALA C 34 28.99 13.73 36.09
C ALA C 34 27.75 13.27 35.33
N THR C 35 26.65 14.03 35.44
CA THR C 35 25.44 13.70 34.68
C THR C 35 25.65 13.93 33.18
N VAL C 36 26.46 14.94 32.84
CA VAL C 36 26.70 15.31 31.44
C VAL C 36 27.55 14.23 30.76
N LYS C 37 28.52 13.70 31.50
CA LYS C 37 29.37 12.61 31.03
C LYS C 37 28.58 11.33 30.88
N ALA C 38 27.59 11.11 31.76
CA ALA C 38 26.73 9.93 31.67
C ALA C 38 25.82 9.99 30.45
N THR C 39 25.18 11.14 30.23
CA THR C 39 24.32 11.28 29.05
C THR C 39 25.17 11.17 27.79
N ASP C 40 26.35 11.79 27.81
CA ASP C 40 27.18 11.78 26.61
C ASP C 40 27.67 10.38 26.34
N ASP C 41 28.01 9.64 27.40
CA ASP C 41 28.41 8.25 27.24
C ASP C 41 27.24 7.41 26.77
N PHE C 42 26.07 7.62 27.35
CA PHE C 42 24.90 6.88 26.91
C PHE C 42 24.63 7.12 25.42
N ILE C 43 24.68 8.37 24.99
CA ILE C 43 24.36 8.63 23.57
C ILE C 43 25.46 8.11 22.65
N ASP C 44 26.73 8.23 23.06
CA ASP C 44 27.81 7.62 22.29
C ASP C 44 27.54 6.14 22.05
N SER C 45 27.14 5.42 23.14
CA SER C 45 26.85 3.98 23.07
C SER C 45 25.80 3.68 22.00
N LEU C 46 24.98 4.66 21.66
CA LEU C 46 23.92 4.47 20.69
C LEU C 46 24.38 4.73 19.26
N GLN C 47 25.51 5.43 19.08
CA GLN C 47 25.97 5.76 17.73
C GLN C 47 26.23 4.48 16.93
N GLY C 48 25.62 4.35 15.76
CA GLY C 48 25.83 3.14 14.99
C GLY C 48 24.74 2.09 15.01
N LYS C 49 23.66 2.31 15.79
CA LYS C 49 22.40 1.59 15.71
C LYS C 49 21.55 2.28 14.69
N ALA C 50 20.58 1.52 14.18
CA ALA C 50 19.52 2.11 13.37
C ALA C 50 18.86 3.24 14.17
N ALA C 51 18.54 4.33 13.48
CA ALA C 51 17.74 5.44 14.04
C ALA C 51 16.56 4.96 14.86
N HIS C 52 15.74 4.05 14.31
CA HIS C 52 14.57 3.57 15.04
C HIS C 52 14.99 2.98 16.38
N ASP C 53 16.11 2.26 16.41
CA ASP C 53 16.55 1.64 17.66
C ASP C 53 17.11 2.68 18.62
N GLN C 54 17.78 3.69 18.10
CA GLN C 54 18.28 4.77 18.94
C GLN C 54 17.14 5.53 19.60
N LYS C 55 16.11 5.87 18.83
CA LYS C 55 14.98 6.58 19.37
C LYS C 55 14.23 5.72 20.38
N GLN C 56 14.19 4.40 20.15
CA GLN C 56 13.53 3.50 21.08
C GLN C 56 14.25 3.50 22.42
N LYS C 57 15.57 3.37 22.44
CA LYS C 57 16.26 3.27 23.72
C LYS C 57 16.18 4.60 24.46
N LEU C 58 16.44 5.69 23.76
CA LEU C 58 16.28 6.98 24.43
C LEU C 58 14.80 7.22 24.76
N GLY C 59 13.91 6.83 23.85
CA GLY C 59 12.50 6.98 24.12
C GLY C 59 12.07 6.33 25.45
N ASP C 60 12.65 5.16 25.79
CA ASP C 60 12.36 4.53 27.07
C ASP C 60 12.55 5.50 28.24
N GLN C 61 13.73 6.12 28.33
CA GLN C 61 13.96 7.08 29.40
C GLN C 61 13.10 8.32 29.24
N LEU C 62 12.91 8.77 28.00
CA LEU C 62 12.21 10.03 27.82
C LEU C 62 10.71 9.89 28.12
N PHE C 63 10.07 8.81 27.67
CA PHE C 63 8.67 8.57 28.02
C PHE C 63 8.45 8.50 29.53
N LYS C 64 9.36 7.84 30.27
CA LYS C 64 9.13 7.65 31.69
C LYS C 64 8.99 8.99 32.38
N LYS C 65 9.82 9.92 31.94
CA LYS C 65 9.92 11.26 32.51
C LYS C 65 8.85 12.20 31.94
N ILE C 66 8.38 12.01 30.72
CA ILE C 66 7.27 12.87 30.22
C ILE C 66 5.95 12.55 30.90
N ARG C 67 5.77 11.30 31.36
CA ARG C 67 4.55 10.96 32.12
C ARG C 67 4.61 11.48 33.58
N THR C 68 5.79 11.56 34.19
CA THR C 68 5.87 12.27 35.47
C THR C 68 5.44 13.71 35.23
N PHE C 69 5.76 14.25 34.04
CA PHE C 69 5.31 15.60 33.74
C PHE C 69 3.82 15.75 33.89
N GLY C 70 3.10 14.65 33.80
CA GLY C 70 1.70 14.78 34.13
C GLY C 70 0.84 15.40 33.05
N VAL C 71 1.21 15.25 31.79
CA VAL C 71 0.47 15.84 30.69
C VAL C 71 -0.09 14.64 29.89
N LYS C 72 -1.23 14.83 29.22
CA LYS C 72 -1.81 13.78 28.36
C LYS C 72 -1.04 13.58 27.04
N GLY C 73 -1.17 12.37 26.48
CA GLY C 73 -0.54 12.04 25.21
C GLY C 73 0.96 11.85 25.28
N ALA C 74 1.50 11.38 26.42
CA ALA C 74 2.95 11.27 26.52
C ALA C 74 3.65 10.43 25.43
N PRO C 75 3.05 9.34 24.86
CA PRO C 75 3.75 8.61 23.76
C PRO C 75 3.88 9.45 22.49
N LYS C 76 2.80 10.13 22.07
CA LYS C 76 2.91 10.96 20.89
C LYS C 76 3.91 12.08 21.14
N LEU C 77 3.88 12.69 22.34
CA LEU C 77 4.80 13.78 22.62
C LEU C 77 6.25 13.33 22.56
N THR C 78 6.53 12.14 23.09
CA THR C 78 7.88 11.58 23.07
C THR C 78 8.32 11.27 21.65
N ILE C 79 7.42 10.66 20.87
CA ILE C 79 7.74 10.37 19.48
C ILE C 79 8.06 11.65 18.72
N HIS C 80 7.22 12.69 18.89
CA HIS C 80 7.44 13.94 18.16
C HIS C 80 8.77 14.56 18.57
N LEU C 81 9.06 14.56 19.86
CA LEU C 81 10.35 15.15 20.21
C LEU C 81 11.48 14.34 19.58
N LEU C 82 11.33 13.01 19.56
CA LEU C 82 12.37 12.16 19.03
C LEU C 82 12.57 12.37 17.53
N ASP C 83 11.51 12.75 16.82
CA ASP C 83 11.47 12.95 15.39
C ASP C 83 11.80 14.39 14.96
N SER C 84 12.07 15.24 15.93
CA SER C 84 12.17 16.71 15.79
C SER C 84 13.42 17.31 16.37
N GLU C 85 14.17 16.61 17.23
CA GLU C 85 15.27 17.20 17.98
C GLU C 85 16.53 16.37 17.81
N ASP C 86 17.66 17.02 18.07
CA ASP C 86 18.94 16.32 18.16
C ASP C 86 18.95 15.41 19.39
N LEU C 87 19.06 14.10 19.16
CA LEU C 87 18.91 13.13 20.25
C LEU C 87 19.86 13.41 21.41
N ARG C 88 21.12 13.82 21.14
CA ARG C 88 22.05 14.05 22.25
C ARG C 88 21.60 15.21 23.14
N ALA C 89 21.23 16.34 22.51
CA ALA C 89 20.75 17.48 23.27
C ALA C 89 19.47 17.14 24.00
N LEU C 90 18.57 16.40 23.33
CA LEU C 90 17.35 15.97 24.00
C LEU C 90 17.67 15.22 25.29
N ALA C 91 18.67 14.32 25.20
CA ALA C 91 19.08 13.55 26.37
C ALA C 91 19.54 14.49 27.48
N HIS C 92 20.22 15.58 27.12
CA HIS C 92 20.65 16.56 28.13
C HIS C 92 19.48 17.36 28.71
N LEU C 93 18.48 17.70 27.91
CA LEU C 93 17.28 18.28 28.51
C LEU C 93 16.67 17.33 29.54
N MET C 94 16.61 16.03 29.22
CA MET C 94 15.93 15.07 30.12
C MET C 94 16.63 14.99 31.48
N ASN C 95 17.96 14.87 31.45
CA ASN C 95 18.78 14.61 32.63
C ASN C 95 19.34 15.84 33.32
N SER C 96 19.47 16.95 32.62
CA SER C 96 20.07 18.10 33.23
C SER C 96 19.24 19.36 33.20
N TYR C 97 18.13 19.39 32.47
CA TYR C 97 17.32 20.60 32.34
C TYR C 97 15.83 20.25 32.20
N GLU C 98 15.31 19.46 33.15
CA GLU C 98 13.95 18.91 33.04
C GLU C 98 12.91 20.04 32.97
N ASP C 99 13.16 21.15 33.66
CA ASP C 99 12.16 22.23 33.65
C ASP C 99 12.05 22.86 32.27
N VAL C 100 13.19 23.05 31.57
CA VAL C 100 13.13 23.43 30.15
C VAL C 100 12.33 22.39 29.35
N LEU C 101 12.60 21.11 29.58
CA LEU C 101 11.87 20.06 28.87
C LEU C 101 10.36 20.13 29.12
N LYS C 102 9.93 20.40 30.36
CA LYS C 102 8.49 20.49 30.65
C LYS C 102 7.86 21.68 29.93
N GLU C 103 8.53 22.84 29.95
CA GLU C 103 8.08 23.99 29.19
C GLU C 103 8.03 23.69 27.69
N LYS C 104 9.04 22.94 27.17
CA LYS C 104 8.99 22.50 25.78
C LYS C 104 7.78 21.59 25.54
N VAL C 105 7.48 20.69 26.47
CA VAL C 105 6.28 19.86 26.30
C VAL C 105 4.97 20.69 26.34
N GLN C 106 4.99 21.82 27.05
CA GLN C 106 3.83 22.70 27.12
C GLN C 106 3.60 23.42 25.77
N HIS C 107 4.67 23.93 25.19
CA HIS C 107 4.58 24.45 23.83
C HIS C 107 3.94 23.44 22.88
N LYS C 108 4.34 22.15 22.99
CA LYS C 108 3.86 21.16 22.03
C LYS C 108 2.41 20.77 22.32
N VAL C 109 2.05 20.68 23.61
CA VAL C 109 0.66 20.48 23.97
C VAL C 109 -0.15 21.67 23.49
N ALA C 110 0.41 22.87 23.64
CA ALA C 110 -0.28 24.05 23.15
C ALA C 110 -0.53 23.99 21.65
N ALA C 111 0.26 23.18 20.91
CA ALA C 111 0.04 22.92 19.48
C ALA C 111 -0.81 21.69 19.18
N GLY C 112 -1.57 21.16 20.13
CA GLY C 112 -2.46 20.03 19.88
C GLY C 112 -1.77 18.79 19.38
N LEU C 113 -0.48 18.66 19.68
CA LEU C 113 0.33 17.57 19.19
C LEU C 113 0.20 16.30 20.02
N ASN C 114 -0.26 16.42 21.26
CA ASN C 114 -0.56 15.22 22.02
C ASN C 114 -1.87 14.55 21.60
N LYS C 115 -2.72 15.22 20.81
CA LYS C 115 -4.03 14.64 20.48
C LYS C 115 -4.04 13.92 19.13
N ASP D 1 3.33 -0.41 31.30
CA ASP D 1 3.67 0.79 30.51
C ASP D 1 5.07 0.95 29.82
N GLU D 2 5.00 0.24 28.69
CA GLU D 2 6.04 0.13 27.67
C GLU D 2 5.76 1.15 26.58
N PHE D 3 6.78 1.95 26.30
CA PHE D 3 6.76 2.88 25.19
C PHE D 3 7.40 2.19 24.00
N ILE D 4 6.76 2.26 22.85
CA ILE D 4 7.35 1.68 21.66
C ILE D 4 7.32 2.71 20.55
N TYR D 5 8.45 2.86 19.90
CA TYR D 5 8.69 3.69 18.74
C TYR D 5 8.45 2.90 17.45
N PRO D 6 7.57 3.36 16.52
CA PRO D 6 7.33 2.65 15.25
C PRO D 6 8.59 2.22 14.53
N HIS E 1 2.41 12.50 -1.95
CA HIS E 1 2.24 13.92 -1.78
C HIS E 1 2.13 13.87 -0.23
N THR E 2 2.93 14.63 0.56
CA THR E 2 2.77 14.47 2.00
C THR E 2 1.66 15.36 2.57
N LEU E 3 1.26 15.04 3.80
CA LEU E 3 0.25 15.83 4.47
C LEU E 3 0.74 17.25 4.73
N SER E 4 2.03 17.43 5.10
CA SER E 4 2.49 18.78 5.44
C SER E 4 2.62 19.66 4.21
N THR E 5 3.20 19.16 3.10
CA THR E 5 3.14 19.93 1.85
C THR E 5 1.71 20.05 1.37
N LEU E 6 0.91 19.02 1.55
CA LEU E 6 -0.47 19.18 1.12
C LEU E 6 -1.13 20.35 1.88
N ALA E 7 -0.90 20.41 3.19
CA ALA E 7 -1.46 21.43 4.09
C ALA E 7 -0.92 22.84 3.83
N ALA E 8 0.25 22.94 3.19
CA ALA E 8 0.85 24.23 2.84
C ALA E 8 0.22 24.91 1.62
N LEU E 9 -0.55 24.17 0.82
CA LEU E 9 -1.25 24.73 -0.32
C LEU E 9 -2.57 25.37 0.14
N PRO E 10 -3.12 26.32 -0.65
CA PRO E 10 -4.43 26.89 -0.31
C PRO E 10 -5.52 25.83 -0.27
N ALA E 11 -6.46 26.00 0.67
CA ALA E 11 -7.55 25.06 0.89
C ALA E 11 -8.29 24.73 -0.39
N ALA E 12 -8.62 25.77 -1.19
CA ALA E 12 -9.34 25.57 -2.44
C ALA E 12 -8.53 24.67 -3.39
N GLU E 13 -7.21 24.78 -3.33
CA GLU E 13 -6.37 23.92 -4.14
C GLU E 13 -6.39 22.50 -3.62
N ILE E 14 -6.40 22.32 -2.30
CA ILE E 14 -6.49 20.98 -1.71
C ILE E 14 -7.78 20.29 -2.13
N VAL E 15 -8.90 21.00 -2.08
CA VAL E 15 -10.18 20.38 -2.40
C VAL E 15 -10.24 20.08 -3.90
N ARG E 16 -9.61 20.93 -4.75
CA ARG E 16 -9.55 20.62 -6.17
C ARG E 16 -8.85 19.28 -6.38
N LEU E 17 -7.73 19.07 -5.71
CA LEU E 17 -7.09 17.76 -5.72
C LEU E 17 -8.00 16.67 -5.17
N ALA E 18 -8.77 16.98 -4.10
CA ALA E 18 -9.62 15.96 -3.51
C ALA E 18 -10.72 15.53 -4.48
N ASN E 19 -11.32 16.50 -5.20
CA ASN E 19 -12.45 16.24 -6.08
C ASN E 19 -12.01 15.65 -7.42
N SER E 20 -10.80 15.96 -7.86
CA SER E 20 -10.18 15.29 -8.99
C SER E 20 -9.77 13.89 -8.57
N GLN E 21 -10.50 12.88 -9.03
CA GLN E 21 -10.03 11.59 -8.59
C GLN E 21 -8.67 11.23 -9.22
N SER E 22 -7.99 12.15 -9.88
CA SER E 22 -6.57 11.82 -9.88
C SER E 22 -6.12 11.86 -8.39
N SER E 23 -6.32 10.75 -7.64
CA SER E 23 -5.99 10.64 -6.22
C SER E 23 -4.94 9.55 -6.00
N SER E 24 -4.10 9.35 -7.01
CA SER E 24 -3.04 8.34 -6.97
C SER E 24 -1.86 8.92 -6.16
N GLY E 25 -2.10 9.09 -4.85
CA GLY E 25 -1.06 9.65 -3.99
C GLY E 25 -1.50 10.70 -2.98
N LEU E 26 -2.82 10.68 -2.62
CA LEU E 26 -3.49 11.66 -1.76
C LEU E 26 -3.84 11.05 -0.42
N PRO E 27 -3.25 11.55 0.68
CA PRO E 27 -3.66 11.12 2.02
C PRO E 27 -4.99 11.73 2.46
N LEU E 28 -6.03 11.48 1.67
CA LEU E 28 -7.30 12.05 1.96
C LEU E 28 -8.32 10.94 2.01
N PRO E 29 -9.18 10.92 3.03
CA PRO E 29 -10.30 9.97 3.03
C PRO E 29 -11.34 10.41 2.00
N LYS E 30 -12.26 9.50 1.70
CA LYS E 30 -13.35 9.83 0.77
C LYS E 30 -14.37 10.69 1.49
N ALA E 31 -14.68 11.87 0.96
CA ALA E 31 -15.67 12.70 1.63
C ALA E 31 -17.03 12.00 1.65
N ASP E 32 -17.65 11.98 2.83
CA ASP E 32 -19.05 11.55 2.92
C ASP E 32 -19.94 12.63 2.27
N PRO E 33 -20.81 12.26 1.32
CA PRO E 33 -21.61 13.30 0.63
C PRO E 33 -22.65 13.97 1.51
N ALA E 34 -23.15 13.31 2.58
CA ALA E 34 -24.10 14.01 3.44
C ALA E 34 -23.45 15.22 4.09
N THR E 35 -22.18 15.07 4.51
CA THR E 35 -21.40 16.16 5.11
C THR E 35 -21.00 17.21 4.09
N VAL E 36 -20.63 16.76 2.87
CA VAL E 36 -20.22 17.68 1.80
C VAL E 36 -21.41 18.51 1.37
N LYS E 37 -22.59 17.89 1.23
CA LYS E 37 -23.70 18.73 0.86
C LYS E 37 -24.10 19.66 2.01
N ALA E 38 -23.98 19.20 3.26
CA ALA E 38 -24.41 20.05 4.36
C ALA E 38 -23.57 21.31 4.34
N THR E 39 -22.26 21.16 4.12
CA THR E 39 -21.36 22.30 4.07
C THR E 39 -21.65 23.23 2.88
N ASP E 40 -21.95 22.69 1.72
CA ASP E 40 -22.18 23.60 0.61
C ASP E 40 -23.42 24.45 0.86
N ASP E 41 -24.43 23.85 1.50
CA ASP E 41 -25.68 24.53 1.84
C ASP E 41 -25.54 25.61 2.88
N PHE E 42 -24.74 25.31 3.90
CA PHE E 42 -24.41 26.32 4.88
C PHE E 42 -23.73 27.48 4.18
N ILE E 43 -22.73 27.17 3.34
CA ILE E 43 -21.99 28.22 2.67
C ILE E 43 -22.87 28.95 1.66
N ASP E 44 -23.79 28.24 1.00
CA ASP E 44 -24.75 28.92 0.15
C ASP E 44 -25.63 29.85 0.95
N SER E 45 -26.10 29.41 2.13
CA SER E 45 -26.98 30.23 2.94
C SER E 45 -26.30 31.55 3.31
N LEU E 46 -24.97 31.55 3.42
CA LEU E 46 -24.24 32.75 3.82
C LEU E 46 -24.04 33.76 2.69
N GLN E 47 -24.20 33.36 1.42
CA GLN E 47 -24.05 34.30 0.31
C GLN E 47 -25.10 35.41 0.43
N GLY E 48 -24.68 36.63 0.21
CA GLY E 48 -25.53 37.78 0.35
C GLY E 48 -25.40 38.46 1.69
N LYS E 49 -24.74 37.85 2.66
CA LYS E 49 -24.50 38.47 3.95
C LYS E 49 -23.17 39.19 3.90
N ALA E 50 -22.97 40.12 4.83
CA ALA E 50 -21.72 40.86 4.93
C ALA E 50 -20.53 39.93 5.12
N ALA E 51 -19.43 40.27 4.46
CA ALA E 51 -18.17 39.57 4.67
C ALA E 51 -17.90 39.28 6.14
N HIS E 52 -17.96 40.33 7.02
CA HIS E 52 -17.72 40.09 8.45
C HIS E 52 -18.70 39.10 9.05
N ASP E 53 -19.96 39.12 8.61
CA ASP E 53 -20.95 38.20 9.19
C ASP E 53 -20.75 36.78 8.67
N GLN E 54 -20.32 36.62 7.40
CA GLN E 54 -20.04 35.29 6.90
C GLN E 54 -18.86 34.69 7.65
N LYS E 55 -17.84 35.50 7.87
CA LYS E 55 -16.67 35.04 8.58
C LYS E 55 -16.99 34.73 10.04
N GLN E 56 -17.87 35.51 10.66
CA GLN E 56 -18.26 35.23 12.04
C GLN E 56 -18.95 33.88 12.13
N LYS E 57 -19.89 33.61 11.21
CA LYS E 57 -20.67 32.39 11.30
C LYS E 57 -19.80 31.16 11.07
N LEU E 58 -19.02 31.17 9.97
CA LEU E 58 -18.10 30.08 9.71
C LEU E 58 -17.00 30.00 10.77
N GLY E 59 -16.48 31.15 11.21
CA GLY E 59 -15.42 31.18 12.23
C GLY E 59 -15.83 30.50 13.53
N ASP E 60 -17.12 30.58 13.87
CA ASP E 60 -17.65 29.88 15.04
C ASP E 60 -17.35 28.39 15.01
N GLN E 61 -17.75 27.71 13.91
CA GLN E 61 -17.52 26.28 13.85
C GLN E 61 -16.03 25.98 13.78
N LEU E 62 -15.29 26.80 13.04
CA LEU E 62 -13.88 26.54 12.84
C LEU E 62 -13.11 26.78 14.13
N PHE E 63 -13.49 27.81 14.89
CA PHE E 63 -12.91 28.07 16.23
C PHE E 63 -13.09 26.87 17.19
N LYS E 64 -14.30 26.28 17.20
CA LYS E 64 -14.63 25.04 17.89
C LYS E 64 -13.91 23.81 17.32
N LYS E 65 -13.69 23.74 16.01
CA LYS E 65 -12.89 22.57 15.56
C LYS E 65 -11.41 22.77 15.92
N ILE E 66 -10.94 24.00 15.89
CA ILE E 66 -9.53 24.20 16.16
C ILE E 66 -9.19 23.92 17.62
N ARG E 67 -9.97 24.43 18.61
CA ARG E 67 -9.45 24.20 19.97
C ARG E 67 -9.77 22.76 20.45
N THR E 68 -10.72 22.04 19.85
CA THR E 68 -10.76 20.59 20.08
C THR E 68 -9.41 19.96 19.66
N PHE E 69 -8.83 20.45 18.53
CA PHE E 69 -7.49 19.96 18.14
C PHE E 69 -6.45 20.14 19.26
N GLY E 70 -6.74 20.96 20.27
CA GLY E 70 -5.81 21.22 21.36
C GLY E 70 -4.87 22.39 21.14
N VAL E 71 -5.24 23.35 20.28
CA VAL E 71 -4.35 24.44 19.89
C VAL E 71 -4.74 25.71 20.67
N LYS E 72 -3.73 26.34 21.26
CA LYS E 72 -3.90 27.63 21.91
C LYS E 72 -3.95 28.73 20.86
N GLY E 73 -4.64 29.80 21.17
CA GLY E 73 -4.70 30.87 20.18
C GLY E 73 -5.65 30.61 19.02
N ALA E 74 -6.68 29.80 19.23
CA ALA E 74 -7.61 29.56 18.14
C ALA E 74 -8.27 30.80 17.55
N PRO E 75 -8.53 31.94 18.30
CA PRO E 75 -9.19 33.12 17.68
C PRO E 75 -8.35 33.77 16.61
N LYS E 76 -7.07 33.99 16.96
CA LYS E 76 -6.13 34.53 15.99
C LYS E 76 -5.88 33.58 14.83
N LEU E 77 -5.75 32.27 15.08
CA LEU E 77 -5.65 31.34 13.96
C LEU E 77 -6.92 31.34 13.12
N THR E 78 -8.11 31.38 13.75
CA THR E 78 -9.34 31.31 12.96
C THR E 78 -9.49 32.53 12.05
N ILE E 79 -9.18 33.71 12.59
CA ILE E 79 -9.28 34.94 11.82
C ILE E 79 -8.34 34.91 10.63
N HIS E 80 -7.10 34.44 10.85
CA HIS E 80 -6.09 34.39 9.78
C HIS E 80 -6.50 33.41 8.66
N LEU E 81 -7.05 32.27 9.03
CA LEU E 81 -7.57 31.35 8.03
C LEU E 81 -8.73 31.99 7.29
N LEU E 82 -9.61 32.64 8.01
CA LEU E 82 -10.79 33.21 7.38
C LEU E 82 -10.40 34.30 6.38
N ASP E 83 -9.24 34.94 6.62
CA ASP E 83 -8.73 36.04 5.81
C ASP E 83 -7.79 35.62 4.68
N SER E 84 -7.40 34.33 4.59
CA SER E 84 -6.43 33.89 3.61
C SER E 84 -7.00 32.80 2.70
N GLU E 85 -8.15 32.25 3.04
CA GLU E 85 -8.64 31.06 2.35
C GLU E 85 -10.02 31.29 1.75
N ASP E 86 -10.33 30.49 0.72
CA ASP E 86 -11.67 30.38 0.14
C ASP E 86 -12.58 29.78 1.20
N LEU E 87 -13.64 30.52 1.55
CA LEU E 87 -14.49 30.17 2.69
C LEU E 87 -15.12 28.80 2.52
N ARG E 88 -15.60 28.48 1.30
CA ARG E 88 -16.27 27.20 1.12
C ARG E 88 -15.28 26.06 1.27
N ALA E 89 -14.11 26.21 0.64
CA ALA E 89 -13.07 25.19 0.68
C ALA E 89 -12.55 24.97 2.10
N LEU E 90 -12.40 26.07 2.86
CA LEU E 90 -12.03 26.00 4.26
C LEU E 90 -13.04 25.21 5.08
N ALA E 91 -14.35 25.43 4.86
CA ALA E 91 -15.37 24.69 5.60
C ALA E 91 -15.30 23.19 5.30
N HIS E 92 -14.94 22.86 4.04
CA HIS E 92 -14.83 21.46 3.66
C HIS E 92 -13.69 20.76 4.39
N LEU E 93 -12.55 21.43 4.53
CA LEU E 93 -11.49 20.87 5.38
C LEU E 93 -11.98 20.69 6.81
N MET E 94 -12.67 21.71 7.34
CA MET E 94 -13.13 21.61 8.72
C MET E 94 -13.97 20.36 8.88
N ASN E 95 -14.92 20.14 7.97
CA ASN E 95 -15.87 19.05 8.11
C ASN E 95 -15.47 17.74 7.44
N SER E 96 -14.60 17.76 6.42
CA SER E 96 -14.31 16.53 5.68
C SER E 96 -12.84 16.13 5.66
N TYR E 97 -11.92 17.01 6.06
CA TYR E 97 -10.50 16.74 5.96
C TYR E 97 -9.72 17.32 7.13
N GLU E 98 -10.14 16.97 8.35
CA GLU E 98 -9.70 17.71 9.53
C GLU E 98 -8.19 17.59 9.77
N ASP E 99 -7.62 16.41 9.48
CA ASP E 99 -6.20 16.19 9.75
C ASP E 99 -5.33 17.08 8.89
N VAL E 100 -5.75 17.31 7.65
CA VAL E 100 -5.11 18.31 6.80
C VAL E 100 -5.21 19.68 7.46
N LEU E 101 -6.41 20.03 7.94
CA LEU E 101 -6.60 21.30 8.65
C LEU E 101 -5.69 21.39 9.88
N LYS E 102 -5.57 20.30 10.65
CA LYS E 102 -4.70 20.32 11.81
C LYS E 102 -3.25 20.56 11.39
N GLU E 103 -2.79 19.85 10.34
CA GLU E 103 -1.42 20.04 9.82
C GLU E 103 -1.24 21.47 9.34
N LYS E 104 -2.26 21.99 8.65
CA LYS E 104 -2.26 23.40 8.27
C LYS E 104 -2.24 24.34 9.48
N VAL E 105 -2.96 24.01 10.56
CA VAL E 105 -2.89 24.86 11.75
C VAL E 105 -1.49 24.85 12.37
N GLN E 106 -0.76 23.73 12.29
CA GLN E 106 0.60 23.66 12.87
C GLN E 106 1.61 24.45 12.06
N HIS E 107 1.40 24.48 10.75
CA HIS E 107 2.07 25.43 9.87
C HIS E 107 1.97 26.85 10.46
N LYS E 108 0.74 27.29 10.76
CA LYS E 108 0.58 28.67 11.21
C LYS E 108 1.07 28.87 12.64
N VAL E 109 0.92 27.87 13.52
CA VAL E 109 1.52 27.99 14.84
C VAL E 109 3.03 28.09 14.71
N ALA E 110 3.61 27.27 13.82
CA ALA E 110 5.04 27.25 13.56
C ALA E 110 5.58 28.58 13.06
N ALA E 111 4.71 29.44 12.53
CA ALA E 111 5.01 30.84 12.23
C ALA E 111 4.58 31.80 13.36
N GLY E 112 4.30 31.27 14.57
CA GLY E 112 3.88 32.09 15.71
C GLY E 112 2.63 32.90 15.53
N LEU E 113 1.77 32.47 14.60
CA LEU E 113 0.49 33.08 14.23
C LEU E 113 -0.62 32.83 15.23
N ASN E 114 -0.39 31.98 16.24
CA ASN E 114 -1.27 31.90 17.42
C ASN E 114 -0.98 33.00 18.46
N LYS E 115 0.17 33.68 18.37
CA LYS E 115 0.60 34.65 19.37
C LYS E 115 0.20 36.08 19.05
N ASP F 1 -15.04 30.09 25.99
CA ASP F 1 -14.39 31.29 25.43
C ASP F 1 -15.24 31.73 24.19
N GLU F 2 -15.59 33.03 23.91
CA GLU F 2 -16.25 33.33 22.62
C GLU F 2 -15.20 33.76 21.57
N PHE F 3 -15.48 33.43 20.31
CA PHE F 3 -14.73 33.91 19.15
C PHE F 3 -15.44 35.12 18.52
N ILE F 4 -14.70 36.19 18.25
CA ILE F 4 -15.33 37.29 17.54
C ILE F 4 -14.43 37.72 16.40
N TYR F 5 -15.01 37.76 15.24
CA TYR F 5 -14.39 38.31 14.06
C TYR F 5 -14.72 39.79 14.01
N PRO F 6 -13.73 40.66 13.93
CA PRO F 6 -13.98 42.11 13.93
C PRO F 6 -15.09 42.57 12.97
N HIS G 1 -6.52 -37.81 -1.23
CA HIS G 1 -6.74 -37.42 -2.64
C HIS G 1 -8.02 -36.48 -2.42
N THR G 2 -7.90 -35.14 -2.37
CA THR G 2 -9.05 -34.27 -2.20
C THR G 2 -9.58 -33.77 -3.54
N LEU G 3 -10.64 -32.96 -3.49
CA LEU G 3 -11.09 -32.29 -4.72
C LEU G 3 -10.03 -31.33 -5.26
N SER G 4 -9.40 -30.56 -4.36
CA SER G 4 -8.48 -29.53 -4.80
C SER G 4 -7.18 -30.14 -5.32
N THR G 5 -6.67 -31.19 -4.64
CA THR G 5 -5.51 -31.90 -5.19
C THR G 5 -5.84 -32.52 -6.53
N LEU G 6 -7.04 -33.11 -6.66
CA LEU G 6 -7.49 -33.66 -7.93
C LEU G 6 -7.71 -32.57 -8.98
N ALA G 7 -8.38 -31.49 -8.59
CA ALA G 7 -8.61 -30.43 -9.56
C ALA G 7 -7.32 -29.83 -10.08
N ALA G 8 -6.22 -29.97 -9.32
CA ALA G 8 -4.93 -29.41 -9.69
C ALA G 8 -4.21 -30.17 -10.80
N LEU G 9 -4.67 -31.37 -11.14
CA LEU G 9 -4.13 -32.20 -12.20
C LEU G 9 -4.74 -31.81 -13.54
N PRO G 10 -4.02 -32.05 -14.64
CA PRO G 10 -4.63 -31.86 -15.96
C PRO G 10 -5.88 -32.71 -16.12
N ALA G 11 -6.84 -32.14 -16.84
CA ALA G 11 -8.11 -32.84 -17.09
C ALA G 11 -7.89 -34.27 -17.55
N ALA G 12 -6.95 -34.51 -18.48
CA ALA G 12 -6.74 -35.87 -19.00
C ALA G 12 -6.35 -36.86 -17.89
N GLU G 13 -5.54 -36.41 -16.92
CA GLU G 13 -5.15 -37.29 -15.81
C GLU G 13 -6.30 -37.52 -14.85
N ILE G 14 -7.10 -36.48 -14.58
CA ILE G 14 -8.31 -36.65 -13.78
C ILE G 14 -9.26 -37.64 -14.46
N VAL G 15 -9.40 -37.51 -15.78
CA VAL G 15 -10.33 -38.41 -16.44
C VAL G 15 -9.78 -39.82 -16.56
N ARG G 16 -8.46 -39.97 -16.69
CA ARG G 16 -7.89 -41.31 -16.70
C ARG G 16 -8.18 -42.00 -15.37
N LEU G 17 -8.01 -41.26 -14.26
CA LEU G 17 -8.29 -41.84 -12.95
C LEU G 17 -9.75 -42.30 -12.86
N ALA G 18 -10.68 -41.51 -13.38
CA ALA G 18 -12.08 -41.90 -13.25
C ALA G 18 -12.33 -43.27 -13.88
N ASN G 19 -11.65 -43.59 -15.01
CA ASN G 19 -11.94 -44.82 -15.73
C ASN G 19 -11.27 -46.08 -15.16
N SER G 20 -10.10 -45.96 -14.53
CA SER G 20 -9.56 -47.02 -13.68
C SER G 20 -10.35 -47.05 -12.38
N GLN G 21 -11.21 -48.04 -12.16
CA GLN G 21 -12.07 -47.94 -10.97
C GLN G 21 -11.23 -47.99 -9.69
N SER G 22 -9.90 -47.91 -9.83
CA SER G 22 -9.02 -47.51 -8.74
C SER G 22 -9.53 -46.14 -8.29
N SER G 23 -10.68 -46.17 -7.64
CA SER G 23 -11.38 -44.98 -7.20
C SER G 23 -11.28 -44.97 -5.68
N SER G 24 -10.16 -45.41 -5.15
CA SER G 24 -10.04 -45.51 -3.70
C SER G 24 -9.86 -44.11 -3.12
N GLY G 25 -10.92 -43.33 -3.11
CA GLY G 25 -10.92 -42.00 -2.52
C GLY G 25 -11.17 -40.83 -3.45
N LEU G 26 -11.79 -41.13 -4.59
CA LEU G 26 -11.90 -40.15 -5.68
C LEU G 26 -13.23 -39.43 -5.63
N PRO G 27 -13.25 -38.09 -5.27
CA PRO G 27 -14.51 -37.34 -5.20
C PRO G 27 -15.11 -36.98 -6.54
N LEU G 28 -15.45 -38.03 -7.28
CA LEU G 28 -16.12 -37.92 -8.54
C LEU G 28 -17.33 -38.83 -8.52
N PRO G 29 -18.45 -38.37 -8.98
CA PRO G 29 -19.60 -39.26 -9.10
C PRO G 29 -19.38 -40.27 -10.23
N LYS G 30 -20.28 -41.25 -10.39
CA LYS G 30 -20.18 -42.20 -11.49
C LYS G 30 -20.79 -41.53 -12.71
N ALA G 31 -19.97 -41.37 -13.75
CA ALA G 31 -20.43 -40.75 -15.00
C ALA G 31 -21.58 -41.54 -15.64
N ASP G 32 -22.57 -40.81 -16.18
CA ASP G 32 -23.64 -41.36 -17.03
C ASP G 32 -23.12 -41.74 -18.43
N PRO G 33 -23.27 -42.99 -18.87
CA PRO G 33 -22.65 -43.35 -20.15
C PRO G 33 -23.29 -42.67 -21.33
N ALA G 34 -24.58 -42.36 -21.31
CA ALA G 34 -25.13 -41.68 -22.49
C ALA G 34 -24.52 -40.27 -22.65
N THR G 35 -24.31 -39.52 -21.54
CA THR G 35 -23.66 -38.22 -21.65
C THR G 35 -22.18 -38.38 -22.02
N VAL G 36 -21.54 -39.46 -21.54
CA VAL G 36 -20.13 -39.67 -21.84
C VAL G 36 -19.98 -39.94 -23.32
N LYS G 37 -20.91 -40.75 -23.86
CA LYS G 37 -20.87 -41.05 -25.27
C LYS G 37 -21.17 -39.78 -26.09
N ALA G 38 -22.12 -38.95 -25.60
CA ALA G 38 -22.54 -37.75 -26.31
C ALA G 38 -21.41 -36.74 -26.40
N THR G 39 -20.66 -36.57 -25.31
CA THR G 39 -19.48 -35.68 -25.28
C THR G 39 -18.39 -36.19 -26.20
N ASP G 40 -18.16 -37.50 -26.19
CA ASP G 40 -17.11 -38.06 -27.04
C ASP G 40 -17.47 -37.90 -28.51
N ASP G 41 -18.75 -38.09 -28.86
CA ASP G 41 -19.18 -37.80 -30.21
C ASP G 41 -19.03 -36.34 -30.53
N PHE G 42 -19.38 -35.48 -29.58
CA PHE G 42 -19.27 -34.06 -29.84
C PHE G 42 -17.85 -33.72 -30.25
N ILE G 43 -16.89 -34.28 -29.51
CA ILE G 43 -15.48 -34.02 -29.78
C ILE G 43 -15.03 -34.70 -31.08
N ASP G 44 -15.58 -35.88 -31.37
CA ASP G 44 -15.35 -36.55 -32.64
C ASP G 44 -15.77 -35.65 -33.81
N SER G 45 -16.90 -34.94 -33.67
CA SER G 45 -17.31 -33.98 -34.70
C SER G 45 -16.31 -32.84 -34.92
N LEU G 46 -15.51 -32.47 -33.92
CA LEU G 46 -14.61 -31.35 -34.15
C LEU G 46 -13.30 -31.78 -34.81
N GLN G 47 -12.96 -33.07 -34.77
CA GLN G 47 -11.73 -33.52 -35.40
C GLN G 47 -11.72 -33.11 -36.85
N GLY G 48 -10.59 -32.57 -37.29
CA GLY G 48 -10.44 -32.10 -38.65
C GLY G 48 -10.63 -30.61 -38.86
N LYS G 49 -11.08 -29.88 -37.87
CA LYS G 49 -11.27 -28.43 -37.99
C LYS G 49 -10.02 -27.69 -37.51
N ALA G 50 -9.93 -26.42 -37.88
CA ALA G 50 -8.90 -25.58 -37.30
C ALA G 50 -9.07 -25.62 -35.78
N ALA G 51 -7.96 -25.75 -35.07
CA ALA G 51 -7.96 -25.62 -33.61
C ALA G 51 -8.79 -24.43 -33.16
N HIS G 52 -8.57 -23.26 -33.78
CA HIS G 52 -9.31 -22.07 -33.38
C HIS G 52 -10.80 -22.33 -33.45
N ASP G 53 -11.25 -23.08 -34.45
CA ASP G 53 -12.68 -23.38 -34.52
C ASP G 53 -13.12 -24.47 -33.52
N GLN G 54 -12.26 -25.46 -33.26
CA GLN G 54 -12.61 -26.49 -32.28
C GLN G 54 -12.77 -25.86 -30.90
N LYS G 55 -11.83 -24.98 -30.54
CA LYS G 55 -11.89 -24.30 -29.24
C LYS G 55 -13.05 -23.33 -29.14
N GLN G 56 -13.43 -22.69 -30.25
CA GLN G 56 -14.57 -21.79 -30.23
C GLN G 56 -15.84 -22.57 -29.90
N LYS G 57 -16.00 -23.72 -30.56
CA LYS G 57 -17.22 -24.51 -30.44
C LYS G 57 -17.33 -25.19 -29.07
N LEU G 58 -16.24 -25.75 -28.57
CA LEU G 58 -16.32 -26.28 -27.20
C LEU G 58 -16.44 -25.10 -26.25
N GLY G 59 -15.72 -24.01 -26.56
CA GLY G 59 -15.78 -22.82 -25.72
C GLY G 59 -17.19 -22.32 -25.51
N ASP G 60 -18.03 -22.38 -26.54
CA ASP G 60 -19.43 -22.02 -26.40
C ASP G 60 -20.07 -22.72 -25.19
N GLN G 61 -20.00 -24.06 -25.17
CA GLN G 61 -20.60 -24.81 -24.07
C GLN G 61 -19.87 -24.57 -22.75
N LEU G 62 -18.55 -24.45 -22.80
CA LEU G 62 -17.75 -24.29 -21.57
C LEU G 62 -18.05 -22.96 -20.89
N PHE G 63 -18.07 -21.88 -21.68
CA PHE G 63 -18.41 -20.55 -21.17
C PHE G 63 -19.78 -20.52 -20.50
N LYS G 64 -20.77 -21.18 -21.10
CA LYS G 64 -22.10 -21.17 -20.51
C LYS G 64 -22.08 -21.84 -19.13
N LYS G 65 -21.37 -22.99 -18.96
CA LYS G 65 -21.31 -23.72 -17.68
C LYS G 65 -20.42 -22.96 -16.66
N ILE G 66 -19.38 -22.22 -17.11
CA ILE G 66 -18.68 -21.41 -16.10
C ILE G 66 -19.57 -20.24 -15.59
N ARG G 67 -20.46 -19.72 -16.43
CA ARG G 67 -21.41 -18.64 -16.10
C ARG G 67 -22.49 -19.12 -15.09
N THR G 68 -22.95 -20.39 -15.19
CA THR G 68 -23.76 -21.02 -14.12
C THR G 68 -22.97 -21.12 -12.82
N PHE G 69 -21.64 -21.22 -12.92
CA PHE G 69 -20.83 -21.25 -11.72
C PHE G 69 -20.92 -19.98 -10.91
N GLY G 70 -21.27 -18.88 -11.54
CA GLY G 70 -21.32 -17.62 -10.84
C GLY G 70 -19.99 -16.91 -10.80
N VAL G 71 -19.09 -17.18 -11.76
CA VAL G 71 -17.73 -16.65 -11.73
C VAL G 71 -17.63 -15.54 -12.76
N LYS G 72 -17.00 -14.41 -12.39
CA LYS G 72 -16.70 -13.35 -13.35
C LYS G 72 -15.44 -13.72 -14.14
N GLY G 73 -15.33 -13.15 -15.33
CA GLY G 73 -14.20 -13.40 -16.18
C GLY G 73 -14.26 -14.73 -16.85
N ALA G 74 -15.45 -15.30 -17.05
CA ALA G 74 -15.59 -16.60 -17.69
C ALA G 74 -15.01 -16.67 -19.11
N PRO G 75 -15.01 -15.58 -19.92
CA PRO G 75 -14.33 -15.65 -21.23
C PRO G 75 -12.86 -15.93 -21.06
N LYS G 76 -12.22 -15.22 -20.12
CA LYS G 76 -10.79 -15.42 -19.90
C LYS G 76 -10.45 -16.77 -19.32
N LEU G 77 -11.22 -17.23 -18.35
CA LEU G 77 -11.01 -18.57 -17.82
C LEU G 77 -11.27 -19.61 -18.90
N THR G 78 -12.32 -19.38 -19.71
CA THR G 78 -12.62 -20.36 -20.74
C THR G 78 -11.47 -20.47 -21.73
N ILE G 79 -10.94 -19.33 -22.18
CA ILE G 79 -9.84 -19.33 -23.16
C ILE G 79 -8.61 -20.04 -22.59
N HIS G 80 -8.28 -19.76 -21.32
CA HIS G 80 -7.10 -20.36 -20.68
C HIS G 80 -7.23 -21.89 -20.54
N LEU G 81 -8.41 -22.37 -20.14
CA LEU G 81 -8.62 -23.82 -20.05
C LEU G 81 -8.48 -24.45 -21.44
N LEU G 82 -9.06 -23.79 -22.45
CA LEU G 82 -8.98 -24.34 -23.79
C LEU G 82 -7.54 -24.42 -24.29
N ASP G 83 -6.64 -23.52 -23.83
CA ASP G 83 -5.25 -23.53 -24.26
C ASP G 83 -4.31 -24.29 -23.32
N SER G 84 -4.80 -24.85 -22.21
CA SER G 84 -3.91 -25.51 -21.25
C SER G 84 -4.36 -26.94 -20.98
N GLU G 85 -5.54 -27.35 -21.47
CA GLU G 85 -6.08 -28.68 -21.23
C GLU G 85 -6.39 -29.39 -22.53
N ASP G 86 -6.42 -30.73 -22.42
CA ASP G 86 -6.88 -31.60 -23.50
C ASP G 86 -8.37 -31.39 -23.76
N LEU G 87 -8.70 -31.06 -25.01
CA LEU G 87 -10.08 -30.69 -25.30
C LEU G 87 -11.07 -31.79 -24.88
N ARG G 88 -10.70 -33.07 -25.08
CA ARG G 88 -11.66 -34.14 -24.78
C ARG G 88 -11.88 -34.29 -23.30
N ALA G 89 -10.80 -34.31 -22.53
CA ALA G 89 -10.94 -34.47 -21.09
C ALA G 89 -11.67 -33.26 -20.49
N LEU G 90 -11.33 -32.05 -20.92
CA LEU G 90 -12.04 -30.85 -20.45
C LEU G 90 -13.52 -30.93 -20.75
N ALA G 91 -13.90 -31.41 -21.93
CA ALA G 91 -15.32 -31.55 -22.24
C ALA G 91 -15.98 -32.51 -21.26
N HIS G 92 -15.27 -33.60 -20.88
CA HIS G 92 -15.83 -34.58 -19.95
C HIS G 92 -16.03 -34.01 -18.55
N LEU G 93 -15.08 -33.21 -18.07
CA LEU G 93 -15.24 -32.46 -16.84
C LEU G 93 -16.48 -31.56 -16.91
N MET G 94 -16.67 -30.87 -18.05
CA MET G 94 -17.79 -29.94 -18.19
C MET G 94 -19.11 -30.66 -18.04
N ASN G 95 -19.28 -31.79 -18.77
CA ASN G 95 -20.55 -32.49 -18.80
C ASN G 95 -20.69 -33.56 -17.73
N SER G 96 -19.59 -34.07 -17.17
CA SER G 96 -19.70 -35.20 -16.25
C SER G 96 -19.11 -34.93 -14.88
N TYR G 97 -18.30 -33.90 -14.72
CA TYR G 97 -17.61 -33.69 -13.45
C TYR G 97 -17.60 -32.22 -13.08
N GLU G 98 -18.80 -31.62 -13.06
CA GLU G 98 -18.93 -30.18 -12.87
C GLU G 98 -18.28 -29.70 -11.57
N ASP G 99 -18.36 -30.49 -10.49
CA ASP G 99 -17.79 -30.01 -9.23
C ASP G 99 -16.25 -29.93 -9.30
N VAL G 100 -15.58 -30.91 -9.96
CA VAL G 100 -14.13 -30.82 -10.22
C VAL G 100 -13.81 -29.61 -11.11
N LEU G 101 -14.57 -29.41 -12.18
CA LEU G 101 -14.31 -28.24 -13.03
C LEU G 101 -14.33 -26.92 -12.22
N LYS G 102 -15.38 -26.73 -11.40
CA LYS G 102 -15.46 -25.52 -10.60
C LYS G 102 -14.28 -25.41 -9.62
N GLU G 103 -13.83 -26.55 -9.06
CA GLU G 103 -12.65 -26.47 -8.19
C GLU G 103 -11.41 -26.04 -8.98
N LYS G 104 -11.20 -26.62 -10.18
CA LYS G 104 -10.10 -26.21 -11.04
C LYS G 104 -10.23 -24.73 -11.41
N VAL G 105 -11.46 -24.27 -11.67
CA VAL G 105 -11.72 -22.87 -11.98
C VAL G 105 -11.38 -21.96 -10.81
N GLN G 106 -11.55 -22.44 -9.57
CA GLN G 106 -11.19 -21.58 -8.43
C GLN G 106 -9.68 -21.46 -8.29
N HIS G 107 -8.93 -22.50 -8.69
CA HIS G 107 -7.46 -22.39 -8.72
C HIS G 107 -7.03 -21.25 -9.65
N LYS G 108 -7.67 -21.13 -10.80
CA LYS G 108 -7.30 -20.11 -11.79
C LYS G 108 -7.79 -18.73 -11.35
N VAL G 109 -8.94 -18.66 -10.68
CA VAL G 109 -9.38 -17.39 -10.09
C VAL G 109 -8.40 -16.95 -9.02
N ALA G 110 -7.88 -17.90 -8.25
CA ALA G 110 -6.90 -17.58 -7.22
C ALA G 110 -5.65 -16.95 -7.81
N ALA G 111 -5.35 -17.28 -9.08
CA ALA G 111 -4.23 -16.67 -9.81
C ALA G 111 -4.63 -15.44 -10.62
N GLY G 112 -5.80 -14.85 -10.36
CA GLY G 112 -6.20 -13.63 -11.06
C GLY G 112 -6.23 -13.80 -12.57
N LEU G 113 -6.39 -15.05 -13.02
CA LEU G 113 -6.44 -15.36 -14.44
C LEU G 113 -7.77 -14.98 -15.08
N ASN G 114 -8.82 -14.71 -14.29
CA ASN G 114 -10.04 -14.12 -14.85
C ASN G 114 -9.92 -12.60 -15.06
N LYS G 115 -8.90 -11.96 -14.51
CA LYS G 115 -8.75 -10.49 -14.50
C LYS G 115 -7.97 -9.96 -15.71
N ASP H 1 -24.31 -12.16 -22.85
CA ASP H 1 -22.86 -12.33 -23.07
C ASP H 1 -22.66 -13.58 -23.94
N GLU H 2 -21.95 -13.29 -25.02
CA GLU H 2 -21.50 -14.15 -26.11
C GLU H 2 -20.04 -14.44 -25.90
N PHE H 3 -19.66 -15.70 -26.07
CA PHE H 3 -18.28 -16.13 -25.87
C PHE H 3 -17.51 -16.13 -27.19
N ILE H 4 -16.29 -15.57 -27.18
CA ILE H 4 -15.50 -15.53 -28.41
C ILE H 4 -14.10 -16.07 -28.16
N TYR H 5 -13.66 -17.04 -29.06
CA TYR H 5 -12.28 -17.51 -29.06
C TYR H 5 -11.49 -16.62 -30.02
N PRO H 6 -10.38 -16.00 -29.59
CA PRO H 6 -9.71 -15.10 -30.55
C PRO H 6 -9.48 -15.66 -31.98
N HIS I 1 -45.54 -3.11 -36.20
CA HIS I 1 -44.56 -2.21 -35.61
C HIS I 1 -43.15 -2.44 -36.12
N THR I 2 -42.50 -1.37 -36.60
CA THR I 2 -41.09 -1.44 -36.96
C THR I 2 -40.21 -1.21 -35.73
N LEU I 3 -38.91 -1.44 -35.89
CA LEU I 3 -38.00 -1.13 -34.79
C LEU I 3 -37.98 0.37 -34.48
N SER I 4 -38.06 1.21 -35.53
CA SER I 4 -38.03 2.66 -35.35
C SER I 4 -39.36 3.18 -34.84
N THR I 5 -40.47 2.60 -35.27
CA THR I 5 -41.78 2.96 -34.69
C THR I 5 -41.88 2.55 -33.23
N LEU I 6 -41.49 1.31 -32.93
CA LEU I 6 -41.53 0.80 -31.58
C LEU I 6 -40.63 1.61 -30.67
N ALA I 7 -39.41 1.88 -31.11
CA ALA I 7 -38.51 2.68 -30.31
C ALA I 7 -39.03 4.12 -30.11
N ALA I 8 -39.92 4.61 -30.98
CA ALA I 8 -40.48 5.95 -30.80
C ALA I 8 -41.43 6.03 -29.60
N LEU I 9 -41.84 4.88 -29.03
CA LEU I 9 -42.68 4.85 -27.86
C LEU I 9 -41.86 5.02 -26.59
N PRO I 10 -42.53 5.47 -25.50
CA PRO I 10 -41.90 5.46 -24.17
C PRO I 10 -41.47 4.06 -23.77
N ALA I 11 -40.34 3.95 -23.07
CA ALA I 11 -39.86 2.63 -22.66
C ALA I 11 -40.99 1.84 -21.99
N ALA I 12 -41.69 2.49 -21.04
CA ALA I 12 -42.74 1.80 -20.31
C ALA I 12 -43.78 1.22 -21.26
N GLU I 13 -44.09 1.92 -22.36
CA GLU I 13 -45.05 1.40 -23.31
C GLU I 13 -44.46 0.28 -24.16
N ILE I 14 -43.17 0.36 -24.49
CA ILE I 14 -42.51 -0.72 -25.20
C ILE I 14 -42.55 -2.00 -24.37
N VAL I 15 -42.23 -1.86 -23.08
CA VAL I 15 -42.15 -3.01 -22.19
C VAL I 15 -43.53 -3.56 -21.91
N ARG I 16 -44.55 -2.71 -21.91
CA ARG I 16 -45.90 -3.24 -21.80
C ARG I 16 -46.20 -4.16 -22.98
N LEU I 17 -45.80 -3.75 -24.19
CA LEU I 17 -46.05 -4.53 -25.41
C LEU I 17 -45.31 -5.88 -25.42
N ALA I 18 -44.08 -5.92 -24.90
CA ALA I 18 -43.35 -7.17 -24.85
C ALA I 18 -44.07 -8.19 -23.97
N ASN I 19 -44.62 -7.77 -22.82
CA ASN I 19 -45.25 -8.68 -21.85
C ASN I 19 -46.69 -9.06 -22.20
N SER I 20 -47.34 -8.34 -23.13
CA SER I 20 -48.63 -8.74 -23.73
C SER I 20 -48.38 -9.95 -24.59
N GLN I 21 -49.00 -11.10 -24.28
CA GLN I 21 -48.45 -12.21 -25.04
C GLN I 21 -48.82 -12.18 -26.53
N SER I 22 -49.51 -11.10 -26.94
CA SER I 22 -49.75 -10.76 -28.32
C SER I 22 -48.53 -10.09 -28.94
N SER I 23 -47.64 -10.92 -29.45
CA SER I 23 -46.40 -10.44 -30.06
C SER I 23 -46.54 -10.48 -31.58
N SER I 24 -47.78 -10.29 -32.05
CA SER I 24 -48.11 -10.36 -33.48
C SER I 24 -47.63 -9.08 -34.13
N GLY I 25 -46.33 -8.96 -34.22
CA GLY I 25 -45.78 -7.80 -34.88
C GLY I 25 -44.68 -7.07 -34.17
N LEU I 26 -44.03 -7.70 -33.18
CA LEU I 26 -42.98 -6.97 -32.45
C LEU I 26 -41.61 -7.53 -32.77
N PRO I 27 -40.71 -6.71 -33.38
CA PRO I 27 -39.35 -7.17 -33.67
C PRO I 27 -38.45 -7.24 -32.43
N LEU I 28 -38.87 -7.99 -31.41
CA LEU I 28 -38.09 -8.04 -30.18
C LEU I 28 -37.78 -9.48 -29.81
N PRO I 29 -36.62 -9.75 -29.21
CA PRO I 29 -36.36 -11.11 -28.73
C PRO I 29 -37.27 -11.42 -27.56
N LYS I 30 -37.29 -12.70 -27.14
CA LYS I 30 -37.97 -13.04 -25.90
C LYS I 30 -36.94 -12.80 -24.78
N ALA I 31 -37.27 -11.94 -23.82
CA ALA I 31 -36.37 -11.67 -22.72
C ALA I 31 -35.99 -12.94 -21.93
N ASP I 32 -34.72 -13.00 -21.50
CA ASP I 32 -34.26 -14.01 -20.56
C ASP I 32 -34.80 -13.74 -19.16
N PRO I 33 -35.48 -14.71 -18.53
CA PRO I 33 -36.09 -14.43 -17.23
C PRO I 33 -35.08 -14.22 -16.11
N ALA I 34 -33.93 -14.87 -16.18
CA ALA I 34 -32.90 -14.58 -15.17
C ALA I 34 -32.47 -13.13 -15.27
N THR I 35 -32.36 -12.60 -16.49
CA THR I 35 -31.96 -11.21 -16.61
C THR I 35 -33.05 -10.23 -16.18
N VAL I 36 -34.33 -10.56 -16.41
CA VAL I 36 -35.38 -9.61 -16.06
C VAL I 36 -35.46 -9.45 -14.54
N LYS I 37 -35.38 -10.56 -13.79
CA LYS I 37 -35.44 -10.54 -12.35
C LYS I 37 -34.21 -9.86 -11.75
N ALA I 38 -33.05 -10.00 -12.41
CA ALA I 38 -31.88 -9.25 -11.98
C ALA I 38 -32.13 -7.75 -12.16
N THR I 39 -32.72 -7.37 -13.30
CA THR I 39 -33.05 -5.96 -13.51
C THR I 39 -34.08 -5.48 -12.49
N ASP I 40 -35.15 -6.27 -12.33
CA ASP I 40 -36.23 -5.91 -11.44
C ASP I 40 -35.74 -5.85 -10.00
N ASP I 41 -34.80 -6.71 -9.62
CA ASP I 41 -34.20 -6.59 -8.29
C ASP I 41 -33.33 -5.34 -8.15
N PHE I 42 -32.50 -5.03 -9.14
CA PHE I 42 -31.67 -3.83 -9.06
C PHE I 42 -32.53 -2.58 -8.93
N ILE I 43 -33.59 -2.49 -9.72
CA ILE I 43 -34.44 -1.31 -9.59
C ILE I 43 -35.18 -1.32 -8.26
N ASP I 44 -35.55 -2.51 -7.76
CA ASP I 44 -36.15 -2.60 -6.43
C ASP I 44 -35.22 -2.00 -5.37
N SER I 45 -33.93 -2.41 -5.39
CA SER I 45 -32.93 -1.92 -4.42
C SER I 45 -32.77 -0.40 -4.46
N LEU I 46 -33.15 0.26 -5.55
CA LEU I 46 -33.01 1.70 -5.61
C LEU I 46 -34.24 2.43 -5.05
N GLN I 47 -35.37 1.76 -4.94
CA GLN I 47 -36.60 2.39 -4.47
C GLN I 47 -36.39 2.94 -3.05
N GLY I 48 -36.77 4.18 -2.83
CA GLY I 48 -36.52 4.71 -1.52
C GLY I 48 -35.25 5.51 -1.42
N LYS I 49 -34.46 5.60 -2.49
CA LYS I 49 -33.34 6.52 -2.51
C LYS I 49 -33.86 7.80 -3.13
N ALA I 50 -33.13 8.89 -2.92
CA ALA I 50 -33.42 10.10 -3.70
C ALA I 50 -33.33 9.84 -5.23
N ALA I 51 -34.25 10.43 -6.01
CA ALA I 51 -34.20 10.41 -7.48
C ALA I 51 -32.81 10.67 -8.03
N HIS I 52 -32.16 11.78 -7.66
CA HIS I 52 -30.82 12.04 -8.19
C HIS I 52 -29.89 10.86 -7.95
N ASP I 53 -30.03 10.18 -6.79
CA ASP I 53 -29.19 9.02 -6.47
C ASP I 53 -29.61 7.80 -7.29
N GLN I 54 -30.90 7.63 -7.48
CA GLN I 54 -31.38 6.55 -8.34
C GLN I 54 -30.95 6.74 -9.78
N LYS I 55 -31.08 7.98 -10.28
CA LYS I 55 -30.71 8.23 -11.66
C LYS I 55 -29.21 8.06 -11.84
N GLN I 56 -28.42 8.47 -10.86
CA GLN I 56 -26.98 8.28 -10.95
C GLN I 56 -26.63 6.80 -10.99
N LYS I 57 -27.24 6.01 -10.11
CA LYS I 57 -26.80 4.61 -10.04
C LYS I 57 -27.16 3.87 -11.32
N LEU I 58 -28.37 4.09 -11.83
CA LEU I 58 -28.75 3.51 -13.11
C LEU I 58 -27.97 4.17 -14.26
N GLY I 59 -27.71 5.46 -14.15
CA GLY I 59 -26.96 6.15 -15.19
C GLY I 59 -25.58 5.56 -15.49
N ASP I 60 -24.85 5.12 -14.46
CA ASP I 60 -23.54 4.46 -14.63
C ASP I 60 -23.61 3.33 -15.63
N GLN I 61 -24.61 2.48 -15.41
CA GLN I 61 -24.94 1.35 -16.27
C GLN I 61 -25.35 1.83 -17.65
N LEU I 62 -26.24 2.83 -17.70
CA LEU I 62 -26.79 3.31 -18.96
C LEU I 62 -25.71 4.01 -19.80
N PHE I 63 -24.93 4.91 -19.17
CA PHE I 63 -23.83 5.58 -19.84
C PHE I 63 -22.82 4.60 -20.43
N LYS I 64 -22.50 3.52 -19.71
CA LYS I 64 -21.50 2.59 -20.24
C LYS I 64 -21.97 2.01 -21.58
N LYS I 65 -23.27 1.72 -21.67
CA LYS I 65 -23.97 1.17 -22.86
C LYS I 65 -24.22 2.23 -23.95
N ILE I 66 -24.53 3.45 -23.56
CA ILE I 66 -24.67 4.53 -24.54
C ILE I 66 -23.31 4.90 -25.05
N ARG I 67 -22.28 4.71 -24.21
CA ARG I 67 -20.92 4.95 -24.66
C ARG I 67 -20.42 3.85 -25.64
N THR I 68 -20.79 2.58 -25.42
CA THR I 68 -20.48 1.59 -26.47
C THR I 68 -21.23 1.95 -27.74
N PHE I 69 -22.52 2.38 -27.61
CA PHE I 69 -23.31 2.67 -28.82
C PHE I 69 -22.55 3.61 -29.70
N GLY I 70 -21.60 4.31 -29.11
CA GLY I 70 -20.56 4.91 -29.91
C GLY I 70 -20.90 6.21 -30.60
N VAL I 71 -21.89 6.97 -30.12
CA VAL I 71 -22.31 8.22 -30.78
C VAL I 71 -22.13 9.38 -29.79
N LYS I 72 -22.21 10.59 -30.32
CA LYS I 72 -21.82 11.79 -29.58
C LYS I 72 -22.82 12.22 -28.51
N GLY I 73 -22.31 12.92 -27.49
CA GLY I 73 -23.18 13.40 -26.44
C GLY I 73 -23.74 12.33 -25.54
N ALA I 74 -23.01 11.21 -25.37
CA ALA I 74 -23.53 10.10 -24.56
C ALA I 74 -23.95 10.51 -23.14
N PRO I 75 -23.28 11.44 -22.44
CA PRO I 75 -23.80 11.90 -21.11
C PRO I 75 -25.12 12.64 -21.17
N LYS I 76 -25.27 13.58 -22.11
CA LYS I 76 -26.53 14.29 -22.24
C LYS I 76 -27.64 13.34 -22.64
N LEU I 77 -27.35 12.38 -23.52
CA LEU I 77 -28.37 11.42 -23.91
C LEU I 77 -28.83 10.59 -22.71
N THR I 78 -27.91 10.21 -21.81
CA THR I 78 -28.30 9.41 -20.66
C THR I 78 -29.19 10.23 -19.74
N ILE I 79 -28.81 11.48 -19.49
CA ILE I 79 -29.62 12.34 -18.62
C ILE I 79 -31.03 12.53 -19.20
N HIS I 80 -31.13 12.79 -20.51
CA HIS I 80 -32.46 12.99 -21.07
C HIS I 80 -33.30 11.74 -20.88
N LEU I 81 -32.67 10.57 -21.06
CA LEU I 81 -33.36 9.29 -20.89
C LEU I 81 -33.79 9.09 -19.46
N LEU I 82 -32.87 9.33 -18.53
CA LEU I 82 -33.22 9.21 -17.12
C LEU I 82 -34.30 10.23 -16.72
N ASP I 83 -34.34 11.42 -17.35
CA ASP I 83 -35.30 12.44 -16.94
C ASP I 83 -36.64 12.37 -17.67
N SER I 84 -36.79 11.46 -18.64
CA SER I 84 -37.97 11.38 -19.49
C SER I 84 -38.67 10.02 -19.53
N GLU I 85 -38.03 8.96 -19.01
CA GLU I 85 -38.53 7.61 -19.14
C GLU I 85 -38.68 7.07 -17.73
N ASP I 86 -39.60 6.10 -17.60
CA ASP I 86 -39.71 5.30 -16.38
C ASP I 86 -38.44 4.47 -16.19
N LEU I 87 -37.76 4.69 -15.06
CA LEU I 87 -36.45 4.08 -14.81
C LEU I 87 -36.47 2.55 -14.93
N ARG I 88 -37.50 1.89 -14.41
CA ARG I 88 -37.49 0.43 -14.41
C ARG I 88 -37.53 -0.09 -15.83
N ALA I 89 -38.38 0.53 -16.64
CA ALA I 89 -38.48 0.17 -18.05
C ALA I 89 -37.19 0.53 -18.80
N LEU I 90 -36.62 1.69 -18.50
CA LEU I 90 -35.32 2.03 -19.07
C LEU I 90 -34.34 0.92 -18.75
N ALA I 91 -34.35 0.45 -17.50
CA ALA I 91 -33.46 -0.63 -17.08
C ALA I 91 -33.70 -1.90 -17.88
N HIS I 92 -34.96 -2.24 -18.16
CA HIS I 92 -35.21 -3.42 -18.97
C HIS I 92 -34.77 -3.23 -20.44
N LEU I 93 -35.02 -2.06 -21.04
CA LEU I 93 -34.51 -1.76 -22.37
C LEU I 93 -32.99 -1.96 -22.38
N MET I 94 -32.33 -1.49 -21.32
CA MET I 94 -30.88 -1.54 -21.27
C MET I 94 -30.35 -2.97 -21.29
N ASN I 95 -30.98 -3.86 -20.52
CA ASN I 95 -30.53 -5.22 -20.22
C ASN I 95 -31.13 -6.31 -21.10
N SER I 96 -32.30 -6.05 -21.67
CA SER I 96 -33.03 -7.04 -22.43
C SER I 96 -33.37 -6.59 -23.84
N TYR I 97 -33.25 -5.31 -24.15
CA TYR I 97 -33.70 -4.85 -25.45
C TYR I 97 -32.81 -3.75 -26.01
N GLU I 98 -31.50 -4.00 -26.02
CA GLU I 98 -30.52 -2.98 -26.37
C GLU I 98 -30.78 -2.40 -27.74
N ASP I 99 -31.16 -3.25 -28.70
CA ASP I 99 -31.35 -2.77 -30.07
C ASP I 99 -32.48 -1.74 -30.11
N VAL I 100 -33.54 -1.93 -29.32
CA VAL I 100 -34.59 -0.91 -29.16
C VAL I 100 -33.99 0.37 -28.57
N LEU I 101 -33.19 0.21 -27.52
CA LEU I 101 -32.59 1.36 -26.88
C LEU I 101 -31.80 2.16 -27.88
N LYS I 102 -31.02 1.48 -28.71
CA LYS I 102 -30.23 2.18 -29.70
C LYS I 102 -31.14 2.90 -30.71
N GLU I 103 -32.22 2.27 -31.17
CA GLU I 103 -33.06 3.01 -32.10
C GLU I 103 -33.66 4.21 -31.38
N LYS I 104 -34.05 4.03 -30.09
CA LYS I 104 -34.52 5.15 -29.28
C LYS I 104 -33.46 6.25 -29.18
N VAL I 105 -32.18 5.89 -29.01
CA VAL I 105 -31.16 6.93 -28.99
C VAL I 105 -31.01 7.61 -30.36
N GLN I 106 -31.27 6.89 -31.47
CA GLN I 106 -31.07 7.58 -32.76
C GLN I 106 -32.18 8.60 -33.03
N HIS I 107 -33.36 8.30 -32.56
CA HIS I 107 -34.47 9.23 -32.49
C HIS I 107 -34.08 10.52 -31.78
N LYS I 108 -33.37 10.39 -30.65
CA LYS I 108 -33.00 11.53 -29.82
C LYS I 108 -31.84 12.30 -30.42
N VAL I 109 -30.90 11.58 -31.03
CA VAL I 109 -29.83 12.25 -31.77
C VAL I 109 -30.44 13.08 -32.88
N ALA I 110 -31.45 12.52 -33.52
CA ALA I 110 -32.10 13.19 -34.62
C ALA I 110 -32.75 14.48 -34.20
N ALA I 111 -33.05 14.66 -32.91
CA ALA I 111 -33.54 15.94 -32.37
C ALA I 111 -32.46 16.81 -31.72
N GLY I 112 -31.19 16.60 -32.01
CA GLY I 112 -30.14 17.40 -31.41
C GLY I 112 -30.01 17.32 -29.90
N LEU I 113 -30.45 16.22 -29.29
CA LEU I 113 -30.39 16.07 -27.84
C LEU I 113 -29.01 15.69 -27.31
N ASN I 114 -28.11 15.15 -28.15
CA ASN I 114 -26.72 14.96 -27.72
C ASN I 114 -25.90 16.25 -27.68
N LYS I 115 -26.40 17.35 -28.24
CA LYS I 115 -25.58 18.57 -28.25
C LYS I 115 -25.92 19.61 -27.17
N ASP J 1 -14.90 6.47 -18.38
CA ASP J 1 -14.66 7.92 -18.32
C ASP J 1 -15.85 8.04 -17.28
N GLU J 2 -15.96 8.95 -16.31
CA GLU J 2 -17.04 8.84 -15.31
C GLU J 2 -18.30 9.65 -15.65
N PHE J 3 -19.47 9.07 -15.39
CA PHE J 3 -20.75 9.75 -15.58
C PHE J 3 -21.30 10.36 -14.29
N ILE J 4 -21.74 11.61 -14.35
CA ILE J 4 -22.34 12.19 -13.15
C ILE J 4 -23.67 12.84 -13.50
N TYR J 5 -24.69 12.47 -12.74
CA TYR J 5 -26.00 13.03 -12.91
C TYR J 5 -26.06 14.27 -12.02
N PRO J 6 -26.36 15.46 -12.57
CA PRO J 6 -26.37 16.68 -11.75
C PRO J 6 -27.05 16.57 -10.41
N HIS K 1 0.20 -22.85 31.26
CA HIS K 1 0.19 -23.39 29.87
C HIS K 1 1.26 -24.48 29.55
N THR K 2 0.89 -25.70 29.16
CA THR K 2 1.95 -26.62 28.75
C THR K 2 2.29 -26.46 27.27
N LEU K 3 3.40 -27.09 26.87
CA LEU K 3 3.74 -27.04 25.46
C LEU K 3 2.63 -27.67 24.64
N SER K 4 2.10 -28.81 25.09
CA SER K 4 1.12 -29.51 24.28
C SER K 4 -0.17 -28.72 24.14
N THR K 5 -0.60 -28.07 25.23
CA THR K 5 -1.81 -27.25 25.20
C THR K 5 -1.65 -26.03 24.28
N LEU K 6 -0.50 -25.36 24.35
CA LEU K 6 -0.24 -24.23 23.46
C LEU K 6 -0.30 -24.67 21.99
N ALA K 7 0.39 -25.78 21.64
CA ALA K 7 0.48 -26.26 20.25
C ALA K 7 -0.88 -26.65 19.66
N ALA K 8 -1.88 -26.91 20.51
CA ALA K 8 -3.22 -27.25 20.04
C ALA K 8 -4.03 -26.00 19.67
N LEU K 9 -3.52 -24.78 20.02
CA LEU K 9 -4.09 -23.48 19.61
C LEU K 9 -3.63 -23.08 18.19
N PRO K 10 -4.40 -22.22 17.50
CA PRO K 10 -3.92 -21.72 16.20
C PRO K 10 -2.63 -20.92 16.32
N ALA K 11 -1.77 -21.04 15.30
CA ALA K 11 -0.48 -20.34 15.30
C ALA K 11 -0.63 -18.86 15.66
N ALA K 12 -1.59 -18.17 15.04
CA ALA K 12 -1.77 -16.74 15.29
C ALA K 12 -2.14 -16.47 16.76
N GLU K 13 -2.90 -17.37 17.38
CA GLU K 13 -3.14 -17.24 18.81
C GLU K 13 -1.86 -17.49 19.61
N ILE K 14 -1.01 -18.42 19.18
CA ILE K 14 0.25 -18.63 19.89
C ILE K 14 1.14 -17.40 19.85
N VAL K 15 1.29 -16.76 18.68
CA VAL K 15 2.18 -15.61 18.60
C VAL K 15 1.53 -14.42 19.32
N ARG K 16 0.19 -14.37 19.33
CA ARG K 16 -0.44 -13.30 20.08
C ARG K 16 0.01 -13.33 21.53
N LEU K 17 -0.03 -14.51 22.15
CA LEU K 17 0.42 -14.65 23.54
C LEU K 17 1.90 -14.31 23.68
N ALA K 18 2.72 -14.75 22.72
CA ALA K 18 4.17 -14.52 22.82
C ALA K 18 4.47 -13.02 22.79
N ASN K 19 3.73 -12.27 21.97
CA ASN K 19 3.95 -10.85 21.79
C ASN K 19 3.30 -9.97 22.86
N SER K 20 2.21 -10.45 23.46
CA SER K 20 1.61 -9.81 24.63
C SER K 20 2.58 -9.90 25.80
N GLN K 21 2.82 -8.74 26.46
CA GLN K 21 3.87 -8.79 27.47
C GLN K 21 3.41 -9.76 28.59
N SER K 22 2.25 -10.41 28.43
CA SER K 22 1.80 -11.48 29.33
C SER K 22 2.47 -12.81 28.99
N SER K 23 3.57 -13.04 29.65
CA SER K 23 4.18 -14.36 29.55
C SER K 23 4.05 -15.07 30.89
N SER K 24 2.93 -14.88 31.63
CA SER K 24 2.96 -15.62 32.91
C SER K 24 2.77 -17.13 32.79
N GLY K 25 3.74 -17.82 32.22
CA GLY K 25 3.51 -19.24 32.18
C GLY K 25 3.75 -19.78 30.81
N LEU K 26 4.50 -19.06 29.98
CA LEU K 26 4.68 -19.48 28.61
C LEU K 26 6.08 -20.00 28.39
N PRO K 27 6.20 -21.31 28.11
CA PRO K 27 7.50 -21.92 27.79
C PRO K 27 8.04 -21.50 26.44
N LEU K 28 8.20 -20.21 26.18
CA LEU K 28 8.67 -19.80 24.88
C LEU K 28 9.88 -18.89 25.05
N PRO K 29 10.91 -19.04 24.21
CA PRO K 29 12.06 -18.14 24.29
C PRO K 29 11.67 -16.77 23.77
N LYS K 30 12.53 -15.77 23.99
CA LYS K 30 12.18 -14.47 23.45
C LYS K 30 12.65 -14.34 22.03
N ALA K 31 11.71 -13.99 21.16
CA ALA K 31 12.01 -13.80 19.77
C ALA K 31 13.13 -12.78 19.54
N ASP K 32 14.11 -13.21 18.72
CA ASP K 32 15.17 -12.35 18.21
C ASP K 32 14.64 -11.41 17.12
N PRO K 33 14.86 -10.10 17.25
CA PRO K 33 14.25 -9.17 16.29
C PRO K 33 14.86 -9.24 14.89
N ALA K 34 16.10 -9.70 14.72
CA ALA K 34 16.57 -9.87 13.34
C ALA K 34 15.76 -10.98 12.64
N THR K 35 15.52 -12.10 13.37
CA THR K 35 14.79 -13.22 12.79
C THR K 35 13.33 -12.86 12.57
N VAL K 36 12.76 -12.11 13.51
CA VAL K 36 11.36 -11.71 13.38
C VAL K 36 11.18 -10.71 12.23
N LYS K 37 12.13 -9.77 12.02
CA LYS K 37 12.07 -8.83 10.88
C LYS K 37 12.19 -9.60 9.54
N ALA K 38 13.06 -10.64 9.44
CA ALA K 38 13.16 -11.39 8.17
C ALA K 38 11.87 -12.14 7.83
N THR K 39 11.21 -12.74 8.85
CA THR K 39 10.02 -13.51 8.56
C THR K 39 8.91 -12.61 8.03
N ASP K 40 8.72 -11.46 8.66
CA ASP K 40 7.68 -10.52 8.26
C ASP K 40 8.01 -9.88 6.91
N ASP K 41 9.29 -9.55 6.66
CA ASP K 41 9.66 -9.01 5.35
C ASP K 41 9.38 -10.05 4.25
N PHE K 42 9.74 -11.32 4.50
CA PHE K 42 9.46 -12.43 3.58
C PHE K 42 7.98 -12.57 3.30
N ILE K 43 7.16 -12.53 4.37
CA ILE K 43 5.72 -12.69 4.22
C ILE K 43 5.12 -11.44 3.57
N ASP K 44 5.67 -10.27 3.87
CA ASP K 44 5.27 -9.06 3.16
C ASP K 44 5.54 -9.20 1.67
N SER K 45 6.71 -9.74 1.32
CA SER K 45 7.03 -9.93 -0.10
C SER K 45 6.04 -10.85 -0.81
N LEU K 46 5.38 -11.75 -0.10
CA LEU K 46 4.48 -12.67 -0.78
C LEU K 46 3.11 -12.03 -1.05
N GLN K 47 2.76 -10.95 -0.32
CA GLN K 47 1.47 -10.32 -0.52
C GLN K 47 1.37 -9.88 -1.99
N GLY K 48 0.22 -10.13 -2.58
CA GLY K 48 0.00 -9.82 -3.95
C GLY K 48 0.20 -11.00 -4.88
N LYS K 49 0.81 -12.08 -4.39
CA LYS K 49 0.90 -13.29 -5.18
C LYS K 49 -0.33 -14.16 -4.93
N ALA K 50 -0.59 -15.07 -5.87
CA ALA K 50 -1.64 -16.09 -5.74
C ALA K 50 -1.37 -16.96 -4.50
N ALA K 51 -2.46 -17.35 -3.83
CA ALA K 51 -2.39 -18.26 -2.70
C ALA K 51 -1.50 -19.46 -2.95
N HIS K 52 -1.85 -20.20 -3.95
CA HIS K 52 -1.08 -21.37 -4.33
C HIS K 52 0.40 -21.06 -4.45
N ASP K 53 0.78 -19.89 -5.02
CA ASP K 53 2.20 -19.53 -5.00
C ASP K 53 2.74 -19.07 -3.63
N GLN K 54 1.94 -18.39 -2.80
CA GLN K 54 2.43 -18.02 -1.46
C GLN K 54 2.68 -19.27 -0.62
N LYS K 55 1.73 -20.21 -0.68
CA LYS K 55 1.80 -21.43 0.10
C LYS K 55 2.96 -22.32 -0.37
N GLN K 56 3.22 -22.33 -1.68
CA GLN K 56 4.37 -23.07 -2.19
C GLN K 56 5.66 -22.51 -1.62
N LYS K 57 5.79 -21.17 -1.63
CA LYS K 57 7.06 -20.55 -1.26
C LYS K 57 7.37 -20.73 0.23
N LEU K 58 6.38 -20.49 1.10
CA LEU K 58 6.52 -20.79 2.52
C LEU K 58 6.53 -22.31 2.75
N GLY K 59 5.70 -23.06 2.03
CA GLY K 59 5.69 -24.50 2.19
C GLY K 59 7.07 -25.13 2.01
N ASP K 60 7.85 -24.62 1.04
CA ASP K 60 9.24 -25.05 0.82
C ASP K 60 10.07 -25.00 2.09
N GLN K 61 10.07 -23.84 2.77
CA GLN K 61 10.86 -23.68 4.00
C GLN K 61 10.30 -24.53 5.14
N LEU K 62 8.97 -24.60 5.23
CA LEU K 62 8.33 -25.35 6.30
C LEU K 62 8.57 -26.84 6.11
N PHE K 63 8.46 -27.29 4.84
CA PHE K 63 8.83 -28.66 4.48
C PHE K 63 10.28 -28.96 4.90
N LYS K 64 11.21 -28.03 4.67
CA LYS K 64 12.60 -28.31 5.02
C LYS K 64 12.72 -28.49 6.55
N LYS K 65 11.96 -27.67 7.30
CA LYS K 65 12.03 -27.63 8.77
C LYS K 65 11.34 -28.84 9.41
N ILE K 66 10.21 -29.26 8.84
CA ILE K 66 9.54 -30.46 9.35
C ILE K 66 10.40 -31.71 9.12
N ARG K 67 11.17 -31.75 8.01
CA ARG K 67 12.08 -32.87 7.71
C ARG K 67 13.26 -32.89 8.66
N THR K 68 13.75 -31.70 9.07
CA THR K 68 14.68 -31.64 10.19
C THR K 68 14.00 -32.16 11.45
N PHE K 69 12.69 -31.81 11.68
CA PHE K 69 11.97 -32.44 12.82
C PHE K 69 11.95 -33.92 12.67
N GLY K 70 12.24 -34.56 11.55
CA GLY K 70 12.35 -36.00 11.55
C GLY K 70 11.04 -36.74 11.36
N VAL K 71 10.04 -36.09 10.77
CA VAL K 71 8.69 -36.62 10.71
C VAL K 71 8.49 -37.06 9.29
N LYS K 72 7.87 -38.24 9.12
CA LYS K 72 7.48 -38.76 7.84
C LYS K 72 6.18 -38.08 7.39
N GLY K 73 5.99 -38.02 6.08
CA GLY K 73 4.83 -37.36 5.52
C GLY K 73 4.87 -35.85 5.56
N ALA K 74 6.07 -35.23 5.59
CA ALA K 74 6.19 -33.78 5.61
C ALA K 74 5.42 -33.08 4.48
N PRO K 75 5.27 -33.65 3.28
CA PRO K 75 4.47 -32.92 2.27
C PRO K 75 3.03 -32.70 2.68
N LYS K 76 2.38 -33.72 3.23
CA LYS K 76 0.96 -33.54 3.55
C LYS K 76 0.77 -32.85 4.89
N LEU K 77 1.72 -33.04 5.81
CA LEU K 77 1.69 -32.26 7.04
C LEU K 77 1.84 -30.77 6.69
N THR K 78 2.73 -30.42 5.73
CA THR K 78 2.94 -29.02 5.35
C THR K 78 1.70 -28.42 4.66
N ILE K 79 1.09 -29.18 3.75
CA ILE K 79 -0.09 -28.68 3.08
C ILE K 79 -1.20 -28.39 4.10
N HIS K 80 -1.39 -29.33 5.06
CA HIS K 80 -2.46 -29.18 6.06
C HIS K 80 -2.23 -27.95 6.91
N LEU K 81 -0.98 -27.71 7.31
CA LEU K 81 -0.63 -26.50 8.03
C LEU K 81 -0.91 -25.25 7.18
N LEU K 82 -0.40 -25.20 5.95
CA LEU K 82 -0.60 -24.02 5.14
C LEU K 82 -2.07 -23.79 4.89
N ASP K 83 -2.89 -24.84 5.00
CA ASP K 83 -4.32 -24.71 4.72
C ASP K 83 -5.16 -24.44 5.95
N SER K 84 -4.56 -24.48 7.14
CA SER K 84 -5.30 -24.36 8.39
C SER K 84 -4.79 -23.22 9.25
N GLU K 85 -3.61 -22.66 8.95
CA GLU K 85 -2.96 -21.67 9.80
C GLU K 85 -2.77 -20.37 9.03
N ASP K 86 -2.72 -19.27 9.79
CA ASP K 86 -2.35 -17.95 9.28
C ASP K 86 -0.90 -18.00 8.79
N LEU K 87 -0.66 -17.64 7.52
CA LEU K 87 0.68 -17.90 6.96
C LEU K 87 1.81 -17.16 7.71
N ARG K 88 1.57 -15.90 8.14
CA ARG K 88 2.61 -15.12 8.80
C ARG K 88 2.94 -15.67 10.19
N ALA K 89 1.89 -16.02 10.99
CA ALA K 89 2.12 -16.59 12.32
C ALA K 89 2.86 -17.93 12.24
N LEU K 90 2.46 -18.80 11.30
CA LEU K 90 3.15 -20.07 11.04
C LEU K 90 4.63 -19.87 10.71
N ALA K 91 4.95 -18.85 9.89
CA ALA K 91 6.35 -18.55 9.59
C ALA K 91 7.11 -18.18 10.87
N HIS K 92 6.47 -17.46 11.81
CA HIS K 92 7.13 -17.11 13.06
C HIS K 92 7.36 -18.34 13.93
N LEU K 93 6.39 -19.29 13.97
CA LEU K 93 6.65 -20.55 14.66
C LEU K 93 7.85 -21.26 14.07
N MET K 94 7.89 -21.36 12.73
CA MET K 94 8.97 -22.08 12.07
C MET K 94 10.30 -21.46 12.45
N ASN K 95 10.37 -20.13 12.44
CA ASN K 95 11.62 -19.39 12.61
C ASN K 95 11.93 -18.98 14.04
N SER K 96 10.92 -18.82 14.89
CA SER K 96 11.15 -18.30 16.24
C SER K 96 10.71 -19.20 17.39
N TYR K 97 9.90 -20.23 17.11
CA TYR K 97 9.33 -21.12 18.11
C TYR K 97 9.31 -22.57 17.59
N GLU K 98 10.47 -23.14 17.25
CA GLU K 98 10.43 -24.44 16.58
C GLU K 98 9.81 -25.50 17.49
N ASP K 99 10.12 -25.46 18.78
CA ASP K 99 9.63 -26.52 19.68
C ASP K 99 8.10 -26.56 19.73
N VAL K 100 7.46 -25.40 19.78
CA VAL K 100 6.00 -25.32 19.68
C VAL K 100 5.53 -25.88 18.34
N LEU K 101 6.19 -25.45 17.26
CA LEU K 101 5.90 -26.00 15.93
C LEU K 101 6.05 -27.53 15.92
N LYS K 102 7.10 -28.04 16.56
CA LYS K 102 7.30 -29.50 16.60
C LYS K 102 6.15 -30.19 17.36
N GLU K 103 5.74 -29.61 18.49
CA GLU K 103 4.63 -30.17 19.29
C GLU K 103 3.34 -30.16 18.48
N LYS K 104 3.09 -29.07 17.73
CA LYS K 104 1.92 -29.00 16.86
C LYS K 104 1.96 -30.09 15.78
N VAL K 105 3.16 -30.36 15.25
CA VAL K 105 3.30 -31.40 14.24
C VAL K 105 2.99 -32.77 14.83
N GLN K 106 3.35 -33.00 16.09
CA GLN K 106 3.04 -34.27 16.74
C GLN K 106 1.55 -34.42 17.02
N HIS K 107 0.81 -33.34 17.27
CA HIS K 107 -0.65 -33.49 17.36
C HIS K 107 -1.21 -34.02 16.04
N LYS K 108 -0.69 -33.52 14.91
CA LYS K 108 -1.25 -33.90 13.60
C LYS K 108 -0.80 -35.31 13.19
N VAL K 109 0.42 -35.69 13.54
CA VAL K 109 0.83 -37.08 13.33
C VAL K 109 -0.05 -38.01 14.15
N ALA K 110 -0.38 -37.60 15.39
CA ALA K 110 -1.26 -38.37 16.27
C ALA K 110 -2.65 -38.55 15.69
N ALA K 111 -3.05 -37.66 14.78
CA ALA K 111 -4.27 -37.77 13.99
C ALA K 111 -4.03 -38.39 12.62
N GLY K 112 -2.88 -39.05 12.41
CA GLY K 112 -2.60 -39.71 11.16
C GLY K 112 -2.62 -38.80 9.96
N LEU K 113 -2.34 -37.51 10.16
CA LEU K 113 -2.36 -36.50 9.11
C LEU K 113 -1.15 -36.54 8.16
N ASN K 114 -0.08 -37.23 8.54
CA ASN K 114 1.00 -37.57 7.63
C ASN K 114 0.63 -38.70 6.66
N LYS K 115 -0.46 -39.42 6.91
CA LYS K 115 -0.75 -40.66 6.18
C LYS K 115 -1.65 -40.43 4.98
N ASP L 1 14.19 -34.85 -1.76
CA ASP L 1 12.71 -34.81 -1.88
C ASP L 1 12.10 -33.45 -2.35
N GLU L 2 10.99 -33.58 -3.08
CA GLU L 2 10.25 -32.44 -3.57
C GLU L 2 9.00 -32.18 -2.71
N PHE L 3 8.79 -30.93 -2.33
CA PHE L 3 7.51 -30.53 -1.75
C PHE L 3 6.77 -29.62 -2.77
N ILE L 4 5.57 -29.99 -3.18
CA ILE L 4 4.75 -29.11 -3.98
C ILE L 4 3.36 -29.05 -3.44
N TYR L 5 2.91 -27.82 -3.31
CA TYR L 5 1.61 -27.34 -3.00
C TYR L 5 0.85 -27.33 -4.31
N PRO L 6 -0.27 -28.03 -4.38
CA PRO L 6 -1.07 -28.16 -5.60
C PRO L 6 -1.29 -26.80 -6.28
N HIS M 1 -3.59 1.96 -1.83
CA HIS M 1 -4.19 0.81 -1.17
C HIS M 1 -5.70 1.09 -1.45
N THR M 2 -6.37 0.43 -2.41
CA THR M 2 -7.79 0.74 -2.55
C THR M 2 -8.62 -0.23 -1.69
N LEU M 3 -9.93 0.07 -1.57
CA LEU M 3 -10.82 -0.80 -0.81
C LEU M 3 -10.82 -2.21 -1.38
N SER M 4 -10.76 -2.32 -2.71
CA SER M 4 -10.76 -3.61 -3.40
C SER M 4 -9.42 -4.33 -3.26
N THR M 5 -8.30 -3.60 -3.29
CA THR M 5 -7.01 -4.26 -3.08
C THR M 5 -6.85 -4.77 -1.66
N LEU M 6 -7.22 -3.93 -0.69
CA LEU M 6 -7.08 -4.32 0.70
C LEU M 6 -7.97 -5.53 1.02
N ALA M 7 -9.21 -5.52 0.55
CA ALA M 7 -10.12 -6.63 0.78
C ALA M 7 -9.64 -7.93 0.14
N ALA M 8 -8.80 -7.82 -0.89
CA ALA M 8 -8.27 -9.02 -1.53
C ALA M 8 -7.21 -9.70 -0.67
N LEU M 9 -6.72 -9.05 0.36
CA LEU M 9 -5.78 -9.72 1.27
C LEU M 9 -6.52 -10.45 2.39
N PRO M 10 -5.85 -11.42 3.06
CA PRO M 10 -6.43 -12.03 4.27
C PRO M 10 -6.69 -11.01 5.40
N ALA M 11 -7.78 -11.26 6.15
CA ALA M 11 -8.20 -10.38 7.24
C ALA M 11 -7.06 -10.08 8.22
N ALA M 12 -6.33 -11.10 8.65
CA ALA M 12 -5.20 -10.86 9.55
C ALA M 12 -4.20 -9.89 8.91
N GLU M 13 -4.01 -9.97 7.59
CA GLU M 13 -3.13 -9.02 6.91
C GLU M 13 -3.76 -7.62 6.89
N ILE M 14 -5.06 -7.54 6.65
CA ILE M 14 -5.79 -6.28 6.73
C ILE M 14 -5.68 -5.66 8.13
N VAL M 15 -5.82 -6.48 9.18
CA VAL M 15 -5.82 -5.97 10.54
C VAL M 15 -4.40 -5.57 10.95
N ARG M 16 -3.39 -6.27 10.42
CA ARG M 16 -1.98 -5.93 10.68
C ARG M 16 -1.65 -4.52 10.22
N LEU M 17 -2.10 -4.17 9.01
CA LEU M 17 -1.88 -2.83 8.48
C LEU M 17 -2.63 -1.78 9.27
N ALA M 18 -3.87 -2.09 9.69
CA ALA M 18 -4.69 -1.12 10.41
C ALA M 18 -4.02 -0.72 11.72
N ASN M 19 -3.45 -1.70 12.40
CA ASN M 19 -2.70 -1.55 13.64
C ASN M 19 -1.26 -1.10 13.42
N SER M 20 -0.69 -1.25 12.23
CA SER M 20 0.52 -0.50 11.93
C SER M 20 0.03 0.96 11.88
N GLN M 21 -0.03 1.78 13.08
CA GLN M 21 -0.72 3.11 12.89
C GLN M 21 0.21 3.94 11.68
N SER M 22 1.15 3.23 10.98
CA SER M 22 1.87 3.68 9.75
C SER M 22 0.87 3.42 8.62
N SER M 23 -0.08 4.34 8.56
CA SER M 23 -1.34 4.18 7.87
C SER M 23 -1.52 5.25 6.80
N SER M 24 -0.39 5.68 6.22
CA SER M 24 -0.31 6.71 5.18
C SER M 24 -0.70 6.12 3.82
N GLY M 25 -2.00 5.88 3.66
CA GLY M 25 -2.51 5.36 2.41
C GLY M 25 -3.54 4.26 2.58
N LEU M 26 -4.14 4.17 3.79
CA LEU M 26 -5.08 3.09 4.10
C LEU M 26 -6.49 3.63 4.21
N PRO M 27 -7.42 3.18 3.35
CA PRO M 27 -8.80 3.63 3.52
C PRO M 27 -9.57 2.96 4.67
N LEU M 28 -9.03 3.01 5.88
CA LEU M 28 -9.95 2.55 6.89
C LEU M 28 -9.91 3.35 8.21
N PRO M 29 -11.06 3.38 8.88
CA PRO M 29 -11.26 4.28 10.04
C PRO M 29 -10.46 3.91 11.26
N LYS M 30 -10.55 4.80 12.25
CA LYS M 30 -9.91 4.58 13.54
C LYS M 30 -10.81 3.61 14.29
N ALA M 31 -10.31 2.39 14.53
CA ALA M 31 -11.08 1.42 15.29
C ALA M 31 -11.39 1.97 16.68
N ASP M 32 -12.65 1.86 17.12
CA ASP M 32 -13.02 2.22 18.50
C ASP M 32 -12.43 1.20 19.47
N PRO M 33 -11.63 1.60 20.45
CA PRO M 33 -10.98 0.57 21.30
C PRO M 33 -11.96 -0.24 22.11
N ALA M 34 -13.10 0.35 22.47
CA ALA M 34 -14.10 -0.41 23.20
C ALA M 34 -14.68 -1.51 22.34
N THR M 35 -14.93 -1.21 21.06
CA THR M 35 -15.41 -2.26 20.17
C THR M 35 -14.36 -3.34 19.98
N VAL M 36 -13.08 -2.94 19.88
CA VAL M 36 -12.04 -3.93 19.62
C VAL M 36 -11.86 -4.82 20.83
N LYS M 37 -11.94 -4.23 22.03
CA LYS M 37 -11.81 -5.00 23.25
C LYS M 37 -13.00 -5.93 23.44
N ALA M 38 -14.19 -5.53 23.01
CA ALA M 38 -15.33 -6.44 23.08
C ALA M 38 -15.10 -7.64 22.17
N THR M 39 -14.58 -7.37 20.97
CA THR M 39 -14.29 -8.44 20.00
C THR M 39 -13.26 -9.42 20.55
N ASP M 40 -12.17 -8.91 21.14
CA ASP M 40 -11.11 -9.80 21.59
C ASP M 40 -11.56 -10.63 22.78
N ASP M 41 -12.38 -10.04 23.66
CA ASP M 41 -12.94 -10.77 24.79
C ASP M 41 -13.86 -11.88 24.31
N PHE M 42 -14.68 -11.60 23.30
CA PHE M 42 -15.52 -12.64 22.70
C PHE M 42 -14.67 -13.80 22.14
N ILE M 43 -13.65 -13.46 21.32
CA ILE M 43 -12.80 -14.48 20.67
C ILE M 43 -11.97 -15.23 21.71
N ASP M 44 -11.48 -14.51 22.74
CA ASP M 44 -10.80 -15.13 23.88
C ASP M 44 -11.69 -16.17 24.59
N SER M 45 -12.98 -15.85 24.77
CA SER M 45 -13.92 -16.80 25.40
C SER M 45 -14.05 -18.08 24.57
N LEU M 46 -13.73 -18.02 23.30
CA LEU M 46 -13.87 -19.19 22.45
C LEU M 46 -12.66 -20.12 22.49
N GLN M 47 -11.49 -19.66 22.93
CA GLN M 47 -10.38 -20.60 23.03
C GLN M 47 -10.74 -21.73 24.01
N GLY M 48 -10.44 -22.97 23.63
CA GLY M 48 -10.71 -24.16 24.43
C GLY M 48 -11.97 -24.90 24.06
N LYS M 49 -12.79 -24.27 23.20
CA LYS M 49 -14.01 -24.67 22.53
C LYS M 49 -13.62 -25.45 21.25
N ALA M 50 -14.48 -26.40 20.82
CA ALA M 50 -14.26 -27.12 19.58
C ALA M 50 -14.22 -26.13 18.42
N ALA M 51 -13.28 -26.32 17.49
CA ALA M 51 -13.24 -25.55 16.24
C ALA M 51 -14.61 -25.41 15.58
N HIS M 52 -15.29 -26.53 15.34
CA HIS M 52 -16.66 -26.47 14.82
C HIS M 52 -17.55 -25.69 15.79
N ASP M 53 -17.28 -25.76 17.11
CA ASP M 53 -18.06 -24.86 17.96
C ASP M 53 -17.78 -23.40 17.62
N GLN M 54 -16.49 -23.14 17.45
CA GLN M 54 -16.00 -21.78 17.38
C GLN M 54 -16.53 -21.09 16.14
N LYS M 55 -16.55 -21.81 15.01
CA LYS M 55 -17.05 -21.26 13.76
C LYS M 55 -18.56 -21.02 13.86
N GLN M 56 -19.24 -21.86 14.62
CA GLN M 56 -20.66 -21.69 14.83
C GLN M 56 -20.94 -20.38 15.55
N LYS M 57 -20.21 -20.12 16.63
CA LYS M 57 -20.50 -18.93 17.43
C LYS M 57 -20.12 -17.65 16.69
N LEU M 58 -18.95 -17.62 16.06
CA LEU M 58 -18.64 -16.48 15.21
C LEU M 58 -19.57 -16.42 14.00
N GLY M 59 -19.87 -17.57 13.39
CA GLY M 59 -20.74 -17.60 12.22
C GLY M 59 -22.13 -17.05 12.44
N ASP M 60 -22.69 -17.30 13.64
CA ASP M 60 -24.00 -16.76 14.00
C ASP M 60 -24.05 -15.25 13.73
N GLN M 61 -23.08 -14.52 14.26
CA GLN M 61 -23.01 -13.09 14.04
C GLN M 61 -22.63 -12.77 12.60
N LEU M 62 -21.70 -13.52 12.02
CA LEU M 62 -21.22 -13.19 10.69
C LEU M 62 -22.31 -13.40 9.66
N PHE M 63 -23.06 -14.50 9.75
CA PHE M 63 -24.19 -14.69 8.87
C PHE M 63 -25.11 -13.47 8.94
N LYS M 64 -25.29 -12.92 10.17
CA LYS M 64 -26.16 -11.77 10.39
C LYS M 64 -25.61 -10.47 9.80
N LYS M 65 -24.30 -10.26 9.86
CA LYS M 65 -23.76 -9.06 9.25
C LYS M 65 -23.84 -9.16 7.73
N ILE M 66 -23.53 -10.35 7.24
CA ILE M 66 -23.46 -10.61 5.81
C ILE M 66 -24.87 -10.56 5.27
N ARG M 67 -25.90 -10.92 6.09
CA ARG M 67 -27.25 -10.89 5.54
C ARG M 67 -27.46 -9.53 4.91
N THR M 68 -27.04 -8.54 5.70
CA THR M 68 -27.47 -7.16 5.54
C THR M 68 -26.88 -6.61 4.26
N PHE M 69 -25.69 -7.12 3.91
CA PHE M 69 -24.99 -6.65 2.72
C PHE M 69 -25.81 -6.76 1.44
N GLY M 70 -26.93 -7.47 1.44
CA GLY M 70 -27.74 -7.57 0.25
C GLY M 70 -27.33 -8.68 -0.69
N VAL M 71 -26.66 -9.70 -0.20
CA VAL M 71 -26.16 -10.78 -1.05
C VAL M 71 -26.83 -12.11 -0.85
N LYS M 72 -27.04 -12.77 -1.98
CA LYS M 72 -27.56 -14.12 -2.05
C LYS M 72 -26.49 -15.10 -1.63
N GLY M 73 -26.92 -16.21 -1.05
CA GLY M 73 -25.98 -17.23 -0.60
C GLY M 73 -25.17 -16.88 0.62
N ALA M 74 -25.71 -16.03 1.51
CA ALA M 74 -24.95 -15.63 2.70
C ALA M 74 -24.50 -16.79 3.58
N PRO M 75 -25.22 -17.92 3.69
CA PRO M 75 -24.70 -19.06 4.47
C PRO M 75 -23.42 -19.59 3.86
N LYS M 76 -23.39 -19.80 2.53
CA LYS M 76 -22.17 -20.33 1.92
C LYS M 76 -21.03 -19.36 2.08
N LEU M 77 -21.28 -18.06 1.89
CA LEU M 77 -20.19 -17.10 2.07
C LEU M 77 -19.64 -17.16 3.50
N THR M 78 -20.52 -17.27 4.51
CA THR M 78 -20.06 -17.30 5.90
C THR M 78 -19.19 -18.52 6.17
N ILE M 79 -19.59 -19.69 5.64
CA ILE M 79 -18.78 -20.90 5.78
C ILE M 79 -17.43 -20.72 5.10
N HIS M 80 -17.42 -20.11 3.89
CA HIS M 80 -16.14 -19.90 3.22
C HIS M 80 -15.24 -19.00 4.04
N LEU M 81 -15.79 -17.93 4.63
CA LEU M 81 -14.99 -17.05 5.45
C LEU M 81 -14.43 -17.79 6.65
N LEU M 82 -15.28 -18.59 7.33
CA LEU M 82 -14.85 -19.23 8.57
C LEU M 82 -13.75 -20.26 8.35
N ASP M 83 -13.67 -20.85 7.17
CA ASP M 83 -12.66 -21.86 6.87
C ASP M 83 -11.40 -21.28 6.26
N SER M 84 -11.34 -19.97 5.98
CA SER M 84 -10.19 -19.41 5.27
C SER M 84 -9.50 -18.25 6.00
N GLU M 85 -10.11 -17.68 7.04
CA GLU M 85 -9.51 -16.51 7.69
C GLU M 85 -9.18 -16.85 9.12
N ASP M 86 -8.29 -16.06 9.70
CA ASP M 86 -8.07 -16.06 11.14
C ASP M 86 -9.37 -15.61 11.82
N LEU M 87 -9.94 -16.48 12.67
CA LEU M 87 -11.26 -16.21 13.22
C LEU M 87 -11.27 -14.90 13.96
N ARG M 88 -10.17 -14.61 14.69
CA ARG M 88 -10.11 -13.38 15.45
C ARG M 88 -10.11 -12.18 14.53
N ALA M 89 -9.23 -12.21 13.52
CA ALA M 89 -9.13 -11.11 12.58
C ALA M 89 -10.42 -10.96 11.77
N LEU M 90 -11.02 -12.09 11.38
CA LEU M 90 -12.31 -12.01 10.70
C LEU M 90 -13.32 -11.22 11.54
N ALA M 91 -13.32 -11.48 12.87
CA ALA M 91 -14.26 -10.87 13.79
C ALA M 91 -14.10 -9.36 13.89
N HIS M 92 -12.85 -8.86 13.89
CA HIS M 92 -12.62 -7.42 13.87
C HIS M 92 -13.10 -6.77 12.56
N LEU M 93 -12.90 -7.46 11.44
CA LEU M 93 -13.48 -7.01 10.19
C LEU M 93 -14.98 -6.83 10.33
N MET M 94 -15.64 -7.77 11.00
CA MET M 94 -17.08 -7.65 11.15
C MET M 94 -17.40 -6.42 11.97
N ASN M 95 -16.78 -6.29 13.14
CA ASN M 95 -17.22 -5.26 14.08
C ASN M 95 -16.53 -3.92 13.89
N SER M 96 -15.38 -3.88 13.26
CA SER M 96 -14.69 -2.63 13.16
C SER M 96 -14.47 -2.16 11.74
N TYR M 97 -14.60 -3.03 10.74
CA TYR M 97 -14.26 -2.66 9.37
C TYR M 97 -15.20 -3.28 8.35
N GLU M 98 -16.49 -3.02 8.53
CA GLU M 98 -17.50 -3.69 7.72
C GLU M 98 -17.33 -3.37 6.25
N ASP M 99 -16.83 -2.17 5.90
CA ASP M 99 -16.79 -1.85 4.47
C ASP M 99 -15.83 -2.74 3.69
N VAL M 100 -14.66 -3.04 4.26
CA VAL M 100 -13.75 -4.02 3.66
C VAL M 100 -14.40 -5.39 3.64
N LEU M 101 -15.02 -5.77 4.78
CA LEU M 101 -15.73 -7.03 4.82
C LEU M 101 -16.69 -7.11 3.65
N LYS M 102 -17.40 -6.02 3.38
CA LYS M 102 -18.35 -6.01 2.27
C LYS M 102 -17.61 -6.17 0.96
N GLU M 103 -16.49 -5.46 0.81
CA GLU M 103 -15.68 -5.57 -0.41
C GLU M 103 -15.10 -6.97 -0.57
N LYS M 104 -14.60 -7.55 0.54
CA LYS M 104 -14.14 -8.93 0.49
C LYS M 104 -15.28 -9.88 0.13
N VAL M 105 -16.48 -9.65 0.64
CA VAL M 105 -17.57 -10.52 0.25
C VAL M 105 -17.89 -10.42 -1.25
N GLN M 106 -17.68 -9.26 -1.83
CA GLN M 106 -18.02 -9.13 -3.24
C GLN M 106 -17.00 -9.82 -4.13
N HIS M 107 -15.76 -9.85 -3.70
CA HIS M 107 -14.76 -10.66 -4.35
C HIS M 107 -15.16 -12.14 -4.34
N LYS M 108 -15.73 -12.62 -3.25
CA LYS M 108 -16.09 -14.03 -3.15
C LYS M 108 -17.30 -14.37 -4.00
N VAL M 109 -18.26 -13.44 -4.10
CA VAL M 109 -19.37 -13.63 -5.04
C VAL M 109 -18.83 -13.73 -6.46
N ALA M 110 -17.79 -12.94 -6.77
CA ALA M 110 -17.14 -12.95 -8.07
C ALA M 110 -16.50 -14.30 -8.36
N ALA M 111 -16.18 -15.08 -7.33
CA ALA M 111 -15.72 -16.45 -7.52
C ALA M 111 -16.84 -17.48 -7.44
N GLY M 112 -18.11 -17.06 -7.53
CA GLY M 112 -19.22 -18.02 -7.47
C GLY M 112 -19.24 -18.84 -6.20
N LEU M 113 -18.65 -18.29 -5.14
CA LEU M 113 -18.59 -18.97 -3.86
C LEU M 113 -19.92 -18.90 -3.08
N ASN M 114 -20.84 -17.99 -3.42
CA ASN M 114 -22.19 -18.10 -2.86
C ASN M 114 -23.06 -19.18 -3.52
N LYS M 115 -22.67 -19.67 -4.70
CA LYS M 115 -23.43 -20.61 -5.52
C LYS M 115 -22.91 -22.00 -5.19
N ASP N 1 -34.31 -16.54 9.63
CA ASP N 1 -33.42 -17.61 9.16
C ASP N 1 -32.24 -17.78 10.14
N GLU N 2 -31.93 -18.99 10.70
CA GLU N 2 -30.67 -19.13 11.44
C GLU N 2 -29.67 -19.97 10.67
N PHE N 3 -28.38 -19.72 10.96
CA PHE N 3 -27.21 -20.32 10.30
C PHE N 3 -26.55 -21.48 11.03
N ILE N 4 -26.13 -22.49 10.26
CA ILE N 4 -25.50 -23.68 10.79
C ILE N 4 -24.05 -23.74 10.30
N TYR N 5 -23.15 -24.12 11.14
CA TYR N 5 -21.87 -24.49 10.62
C TYR N 5 -21.79 -26.02 10.60
N PRO N 6 -21.54 -26.68 9.43
CA PRO N 6 -21.50 -28.17 9.43
C PRO N 6 -20.61 -28.81 10.51
N HIS O 1 8.27 -2.62 -17.83
CA HIS O 1 9.64 -2.16 -17.58
C HIS O 1 10.16 -1.27 -18.73
N THR O 2 10.43 -0.01 -18.41
CA THR O 2 10.99 0.94 -19.36
C THR O 2 12.50 0.88 -19.37
N LEU O 3 13.14 1.55 -20.34
CA LEU O 3 14.60 1.40 -20.31
C LEU O 3 15.23 2.37 -19.29
N SER O 4 14.46 3.31 -18.75
CA SER O 4 14.93 4.11 -17.61
C SER O 4 14.90 3.32 -16.29
N THR O 5 13.83 2.51 -16.08
CA THR O 5 13.75 1.58 -14.93
C THR O 5 14.81 0.50 -14.98
N LEU O 6 15.03 -0.09 -16.16
CA LEU O 6 16.01 -1.15 -16.24
C LEU O 6 17.42 -0.67 -15.90
N ALA O 7 17.86 0.46 -16.50
CA ALA O 7 19.21 0.98 -16.21
C ALA O 7 19.40 1.37 -14.74
N ALA O 8 18.29 1.49 -13.99
CA ALA O 8 18.40 1.74 -12.56
C ALA O 8 18.79 0.49 -11.76
N LEU O 9 18.61 -0.69 -12.31
CA LEU O 9 19.06 -1.88 -11.60
C LEU O 9 20.53 -2.12 -11.87
N PRO O 10 21.19 -2.93 -11.04
CA PRO O 10 22.58 -3.33 -11.33
C PRO O 10 22.70 -4.05 -12.68
N ALA O 11 23.85 -3.85 -13.33
CA ALA O 11 24.10 -4.44 -14.65
C ALA O 11 23.78 -5.93 -14.69
N ALA O 12 24.27 -6.67 -13.68
CA ALA O 12 24.04 -8.11 -13.57
C ALA O 12 22.56 -8.45 -13.48
N GLU O 13 21.74 -7.57 -12.88
CA GLU O 13 20.29 -7.81 -12.90
C GLU O 13 19.71 -7.54 -14.30
N ILE O 14 20.21 -6.52 -14.99
CA ILE O 14 19.81 -6.29 -16.38
C ILE O 14 20.12 -7.52 -17.24
N VAL O 15 21.30 -8.11 -17.06
CA VAL O 15 21.70 -9.25 -17.89
C VAL O 15 20.97 -10.54 -17.49
N ARG O 16 20.61 -10.69 -16.22
CA ARG O 16 19.82 -11.85 -15.80
C ARG O 16 18.46 -11.83 -16.49
N LEU O 17 17.77 -10.68 -16.49
CA LEU O 17 16.47 -10.56 -17.17
C LEU O 17 16.58 -10.75 -18.68
N ALA O 18 17.65 -10.21 -19.29
CA ALA O 18 17.83 -10.33 -20.74
C ALA O 18 18.00 -11.79 -21.15
N ASN O 19 18.81 -12.53 -20.39
CA ASN O 19 19.04 -13.93 -20.67
C ASN O 19 17.91 -14.80 -20.20
N SER O 20 17.18 -14.38 -19.19
CA SER O 20 15.94 -15.08 -18.89
C SER O 20 15.01 -14.72 -20.04
N GLN O 21 14.81 -15.64 -20.98
CA GLN O 21 13.92 -15.36 -22.13
C GLN O 21 12.50 -15.15 -21.67
N SER O 22 12.37 -15.02 -20.34
CA SER O 22 11.29 -14.21 -19.79
C SER O 22 11.53 -12.76 -20.25
N SER O 23 11.17 -12.47 -21.51
CA SER O 23 11.34 -11.14 -22.06
C SER O 23 9.96 -10.53 -22.36
N SER O 24 8.93 -10.95 -21.59
CA SER O 24 7.58 -10.41 -21.75
C SER O 24 7.52 -9.04 -21.04
N GLY O 25 8.17 -8.07 -21.65
CA GLY O 25 8.23 -6.75 -21.06
C GLY O 25 9.60 -6.13 -21.13
N LEU O 26 10.42 -6.60 -22.08
CA LEU O 26 11.81 -6.18 -22.16
C LEU O 26 12.12 -5.33 -23.38
N PRO O 27 12.48 -3.96 -23.21
CA PRO O 27 12.91 -3.12 -24.27
C PRO O 27 14.41 -3.28 -24.64
N LEU O 28 14.82 -4.55 -24.88
CA LEU O 28 16.22 -4.87 -25.26
C LEU O 28 16.22 -5.75 -26.50
N PRO O 29 17.19 -5.54 -27.40
CA PRO O 29 17.33 -6.44 -28.55
C PRO O 29 17.96 -7.73 -28.07
N LYS O 30 17.91 -8.74 -28.93
CA LYS O 30 18.55 -10.02 -28.65
C LYS O 30 20.02 -9.92 -29.03
N ALA O 31 20.90 -10.17 -28.03
CA ALA O 31 22.35 -10.11 -28.23
C ALA O 31 22.83 -11.08 -29.32
N ASP O 32 23.84 -10.63 -30.07
CA ASP O 32 24.57 -11.52 -31.01
C ASP O 32 25.42 -12.53 -30.21
N PRO O 33 25.27 -13.83 -30.46
CA PRO O 33 26.02 -14.79 -29.61
C PRO O 33 27.51 -14.68 -29.78
N ALA O 34 27.98 -14.20 -30.96
CA ALA O 34 29.40 -14.00 -31.21
C ALA O 34 29.94 -12.83 -30.40
N THR O 35 29.17 -11.74 -30.33
CA THR O 35 29.60 -10.61 -29.50
C THR O 35 29.66 -11.02 -28.03
N VAL O 36 28.68 -11.83 -27.60
CA VAL O 36 28.61 -12.22 -26.19
C VAL O 36 29.78 -13.14 -25.81
N LYS O 37 30.11 -14.09 -26.69
CA LYS O 37 31.24 -14.99 -26.43
C LYS O 37 32.56 -14.24 -26.48
N ALA O 38 32.68 -13.25 -27.37
CA ALA O 38 33.84 -12.37 -27.40
C ALA O 38 33.90 -11.50 -26.14
N THR O 39 32.75 -11.01 -25.67
CA THR O 39 32.81 -10.28 -24.39
C THR O 39 33.28 -11.21 -23.27
N ASP O 40 32.76 -12.45 -23.23
CA ASP O 40 33.07 -13.36 -22.14
C ASP O 40 34.52 -13.82 -22.16
N ASP O 41 35.04 -14.10 -23.37
CA ASP O 41 36.43 -14.49 -23.50
C ASP O 41 37.35 -13.39 -23.01
N PHE O 42 37.02 -12.12 -23.30
CA PHE O 42 37.78 -11.00 -22.75
C PHE O 42 37.82 -11.01 -21.21
N ILE O 43 36.66 -11.15 -20.54
CA ILE O 43 36.60 -11.11 -19.07
C ILE O 43 37.29 -12.34 -18.44
N ASP O 44 37.13 -13.53 -19.05
CA ASP O 44 37.87 -14.71 -18.59
C ASP O 44 39.39 -14.42 -18.59
N SER O 45 39.90 -13.76 -19.67
CA SER O 45 41.31 -13.37 -19.78
C SER O 45 41.75 -12.48 -18.62
N LEU O 46 40.83 -11.75 -18.00
CA LEU O 46 41.21 -10.94 -16.86
C LEU O 46 41.13 -11.66 -15.52
N GLN O 47 40.39 -12.77 -15.43
CA GLN O 47 40.39 -13.53 -14.17
C GLN O 47 41.81 -13.98 -13.87
N GLY O 48 42.27 -13.73 -12.67
CA GLY O 48 43.64 -14.03 -12.39
C GLY O 48 44.57 -12.84 -12.49
N LYS O 49 44.05 -11.65 -12.85
CA LYS O 49 44.74 -10.37 -12.77
C LYS O 49 44.30 -9.60 -11.52
N ALA O 50 45.17 -8.64 -11.11
CA ALA O 50 44.86 -7.76 -10.00
C ALA O 50 43.59 -7.00 -10.33
N ALA O 51 42.69 -6.90 -9.36
CA ALA O 51 41.50 -6.08 -9.54
C ALA O 51 41.83 -4.73 -10.18
N HIS O 52 42.85 -4.07 -9.65
CA HIS O 52 43.24 -2.74 -10.15
C HIS O 52 43.46 -2.75 -11.68
N ASP O 53 44.07 -3.86 -12.18
CA ASP O 53 44.31 -4.13 -13.60
C ASP O 53 43.07 -4.57 -14.37
N GLN O 54 42.25 -5.42 -13.77
CA GLN O 54 41.02 -5.78 -14.47
C GLN O 54 40.22 -4.51 -14.78
N LYS O 55 40.14 -3.61 -13.81
CA LYS O 55 39.38 -2.38 -13.99
C LYS O 55 40.05 -1.42 -14.98
N GLN O 56 41.38 -1.37 -15.00
CA GLN O 56 42.06 -0.54 -15.99
C GLN O 56 41.77 -1.06 -17.41
N LYS O 57 41.83 -2.38 -17.62
CA LYS O 57 41.65 -2.95 -18.96
C LYS O 57 40.20 -2.83 -19.44
N LEU O 58 39.24 -3.12 -18.57
CA LEU O 58 37.84 -2.87 -18.95
C LEU O 58 37.57 -1.36 -19.06
N GLY O 59 38.14 -0.58 -18.13
CA GLY O 59 37.95 0.85 -18.15
C GLY O 59 38.39 1.51 -19.45
N ASP O 60 39.51 1.03 -20.01
CA ASP O 60 39.99 1.48 -21.33
C ASP O 60 38.85 1.36 -22.34
N GLN O 61 38.21 0.18 -22.44
CA GLN O 61 37.12 0.07 -23.40
C GLN O 61 35.91 0.90 -22.96
N LEU O 62 35.61 0.91 -21.65
CA LEU O 62 34.40 1.59 -21.18
C LEU O 62 34.53 3.10 -21.31
N PHE O 63 35.67 3.66 -20.94
CA PHE O 63 35.84 5.10 -21.07
C PHE O 63 35.57 5.60 -22.50
N LYS O 64 36.17 4.88 -23.49
CA LYS O 64 36.03 5.14 -24.92
C LYS O 64 34.56 5.05 -25.36
N LYS O 65 33.76 4.12 -24.77
CA LYS O 65 32.34 4.02 -25.17
C LYS O 65 31.46 5.10 -24.48
N ILE O 66 31.80 5.49 -23.25
CA ILE O 66 31.05 6.57 -22.57
C ILE O 66 31.35 7.92 -23.24
N ARG O 67 32.54 8.12 -23.74
CA ARG O 67 32.89 9.39 -24.37
C ARG O 67 32.07 9.63 -25.67
N THR O 68 31.67 8.55 -26.38
CA THR O 68 30.71 8.69 -27.49
C THR O 68 29.36 9.21 -26.98
N PHE O 69 28.93 8.83 -25.76
CA PHE O 69 27.61 9.25 -25.27
C PHE O 69 27.44 10.77 -25.22
N GLY O 70 28.50 11.54 -25.27
CA GLY O 70 28.29 12.98 -25.20
C GLY O 70 28.26 13.59 -23.79
N VAL O 71 28.93 12.95 -22.85
CA VAL O 71 28.91 13.38 -21.45
C VAL O 71 30.27 13.87 -21.05
N LYS O 72 30.26 14.95 -20.29
CA LYS O 72 31.35 15.33 -19.42
C LYS O 72 31.48 14.48 -18.20
N GLY O 73 32.71 14.48 -17.68
CA GLY O 73 33.10 13.70 -16.53
C GLY O 73 33.23 12.23 -16.88
N ALA O 74 33.36 11.89 -18.16
CA ALA O 74 33.36 10.49 -18.54
C ALA O 74 34.47 9.70 -17.85
N PRO O 75 35.63 10.26 -17.51
CA PRO O 75 36.58 9.47 -16.71
C PRO O 75 35.98 9.02 -15.37
N LYS O 76 35.39 9.95 -14.61
CA LYS O 76 34.87 9.57 -13.30
C LYS O 76 33.67 8.63 -13.40
N LEU O 77 32.77 8.83 -14.38
CA LEU O 77 31.68 7.88 -14.52
C LEU O 77 32.23 6.46 -14.75
N THR O 78 33.35 6.35 -15.51
CA THR O 78 33.92 5.03 -15.77
C THR O 78 34.41 4.39 -14.47
N ILE O 79 35.07 5.17 -13.62
CA ILE O 79 35.52 4.71 -12.31
C ILE O 79 34.34 4.33 -11.41
N HIS O 80 33.27 5.13 -11.41
CA HIS O 80 32.18 4.77 -10.52
C HIS O 80 31.61 3.40 -10.89
N LEU O 81 31.40 3.19 -12.20
CA LEU O 81 30.85 1.92 -12.66
C LEU O 81 31.80 0.77 -12.37
N LEU O 82 33.09 0.97 -12.61
CA LEU O 82 34.03 -0.11 -12.35
C LEU O 82 34.02 -0.50 -10.89
N ASP O 83 33.61 0.41 -10.01
CA ASP O 83 33.62 0.13 -8.58
C ASP O 83 32.29 -0.34 -8.02
N SER O 84 31.24 -0.32 -8.81
CA SER O 84 29.88 -0.53 -8.31
C SER O 84 29.16 -1.66 -9.04
N GLU O 85 29.70 -2.17 -10.15
CA GLU O 85 29.01 -3.16 -10.95
C GLU O 85 29.83 -4.45 -11.05
N ASP O 86 29.13 -5.51 -11.41
CA ASP O 86 29.82 -6.73 -11.82
C ASP O 86 30.53 -6.48 -13.14
N LEU O 87 31.86 -6.65 -13.16
CA LEU O 87 32.68 -6.34 -14.34
C LEU O 87 32.20 -7.11 -15.56
N ARG O 88 31.88 -8.40 -15.40
CA ARG O 88 31.46 -9.17 -16.56
C ARG O 88 30.16 -8.62 -17.13
N ALA O 89 29.20 -8.34 -16.26
CA ALA O 89 27.93 -7.76 -16.69
C ALA O 89 28.10 -6.37 -17.30
N LEU O 90 28.97 -5.56 -16.70
CA LEU O 90 29.23 -4.23 -17.24
C LEU O 90 29.68 -4.33 -18.69
N ALA O 91 30.61 -5.26 -18.95
CA ALA O 91 31.14 -5.46 -20.29
C ALA O 91 30.03 -5.84 -21.27
N HIS O 92 29.09 -6.67 -20.83
CA HIS O 92 27.99 -7.04 -21.71
C HIS O 92 27.09 -5.85 -22.04
N LEU O 93 26.79 -4.97 -21.07
CA LEU O 93 26.02 -3.75 -21.37
C LEU O 93 26.71 -2.92 -22.44
N MET O 94 28.03 -2.84 -22.36
CA MET O 94 28.82 -2.08 -23.33
C MET O 94 28.71 -2.66 -24.73
N ASN O 95 28.92 -3.97 -24.87
CA ASN O 95 29.04 -4.55 -26.21
C ASN O 95 27.70 -5.01 -26.74
N SER O 96 26.75 -5.29 -25.86
CA SER O 96 25.48 -5.84 -26.28
C SER O 96 24.26 -4.99 -25.91
N TYR O 97 24.38 -4.01 -25.01
CA TYR O 97 23.20 -3.26 -24.51
C TYR O 97 23.49 -1.77 -24.26
N GLU O 98 24.02 -1.09 -25.30
CA GLU O 98 24.58 0.25 -25.12
C GLU O 98 23.56 1.28 -24.67
N ASP O 99 22.29 1.13 -25.09
CA ASP O 99 21.28 2.12 -24.72
C ASP O 99 20.92 2.09 -23.23
N VAL O 100 20.81 0.87 -22.65
CA VAL O 100 20.64 0.76 -21.21
C VAL O 100 21.81 1.40 -20.49
N LEU O 101 23.03 1.06 -20.93
CA LEU O 101 24.21 1.68 -20.34
C LEU O 101 24.11 3.20 -20.43
N LYS O 102 23.65 3.71 -21.59
CA LYS O 102 23.52 5.14 -21.81
C LYS O 102 22.51 5.72 -20.82
N GLU O 103 21.35 5.08 -20.69
CA GLU O 103 20.37 5.54 -19.72
C GLU O 103 20.94 5.39 -18.31
N LYS O 104 21.62 4.26 -18.04
CA LYS O 104 22.25 4.08 -16.72
C LYS O 104 23.30 5.14 -16.47
N VAL O 105 24.06 5.48 -17.50
CA VAL O 105 25.01 6.57 -17.38
C VAL O 105 24.27 7.85 -17.04
N GLN O 106 23.05 8.00 -17.56
CA GLN O 106 22.41 9.27 -17.29
C GLN O 106 21.85 9.36 -15.87
N HIS O 107 21.45 8.24 -15.27
CA HIS O 107 21.12 8.27 -13.85
C HIS O 107 22.30 8.77 -13.04
N LYS O 108 23.52 8.37 -13.41
CA LYS O 108 24.66 8.74 -12.59
C LYS O 108 25.02 10.21 -12.73
N VAL O 109 24.81 10.77 -13.93
CA VAL O 109 24.94 12.21 -14.10
C VAL O 109 23.94 12.92 -13.22
N ALA O 110 22.74 12.35 -13.13
CA ALA O 110 21.67 12.91 -12.31
C ALA O 110 22.04 12.94 -10.83
N ALA O 111 22.87 12.01 -10.36
CA ALA O 111 23.38 12.03 -9.00
C ALA O 111 24.73 12.73 -8.86
N GLY O 112 25.12 13.56 -9.84
CA GLY O 112 26.38 14.30 -9.80
C GLY O 112 27.62 13.45 -9.71
N LEU O 113 27.54 12.23 -10.22
CA LEU O 113 28.66 11.31 -10.13
C LEU O 113 29.77 11.59 -11.15
N ASN O 114 29.52 12.40 -12.20
CA ASN O 114 30.62 12.89 -13.06
C ASN O 114 31.36 14.11 -12.51
N LYS O 115 30.77 14.84 -11.55
CA LYS O 115 31.34 16.11 -11.07
C LYS O 115 32.15 15.74 -9.86
N ASP P 1 42.82 11.81 -25.21
CA ASP P 1 42.58 11.48 -23.80
C ASP P 1 42.68 9.92 -23.58
N GLU P 2 43.51 9.56 -22.61
CA GLU P 2 43.71 8.19 -22.15
C GLU P 2 43.17 8.08 -20.72
N PHE P 3 42.50 6.96 -20.41
CA PHE P 3 41.84 6.74 -19.12
C PHE P 3 42.75 6.05 -18.11
N ILE P 4 42.80 6.55 -16.87
CA ILE P 4 43.60 5.92 -15.83
C ILE P 4 42.72 5.57 -14.64
N TYR P 5 42.80 4.30 -14.20
CA TYR P 5 42.13 3.81 -12.99
C TYR P 5 43.09 3.99 -11.82
N PRO P 6 42.72 4.73 -10.76
CA PRO P 6 43.59 4.94 -9.58
C PRO P 6 44.25 3.69 -8.98
#